data_8TGZ
#
_entry.id   8TGZ
#
_cell.length_a   1.00
_cell.length_b   1.00
_cell.length_c   1.00
_cell.angle_alpha   90.00
_cell.angle_beta   90.00
_cell.angle_gamma   90.00
#
_symmetry.space_group_name_H-M   'P 1'
#
loop_
_entity.id
_entity.type
_entity.pdbx_description
1 polymer 'envelope glycoprotein E2'
2 polymer 'HC84.26 Heavy chain'
3 polymer 'HC84.26 Light chain'
4 branched beta-D-mannopyranose-(1-3)-[beta-D-mannopyranose-(1-6)]beta-D-mannopyranose-(1-4)-2-acetamido-2-deoxy-beta-D-glucopyranose-(1-4)-2-acetamido-2-deoxy-beta-D-glucopyranose
5 branched 2-acetamido-2-deoxy-beta-D-glucopyranose-(1-4)-2-acetamido-2-deoxy-beta-D-glucopyranose
6 branched beta-D-mannopyranose-(1-4)-beta-D-mannopyranose-(1-4)-2-acetamido-2-deoxy-beta-D-glucopyranose-(1-4)-2-acetamido-2-deoxy-beta-D-glucopyranose
7 non-polymer 2-acetamido-2-deoxy-beta-D-glucopyranose
#
loop_
_entity_poly.entity_id
_entity_poly.type
_entity_poly.pdbx_seq_one_letter_code
_entity_poly.pdbx_strand_id
1 'polypeptide(L)'
;METDTLLLWVLLLWVPGSTGDSTHVTGGTASHTTRHFASLFSSGASQRVQLINTNGSWHINRTALNCNDSLHTGFLAALF
YTHKFNASGCPERMAHCRPIDEFAQGWGPITYAEGHGSDQRPYCWHYAPRQCGTIPASQVCGPVYCFTPSPVVVGTTDRF
GAPTYTWGENETDVLILNNTRPPQGNWFGCTWMNSTGFTKTCGGPPCNIGGVGNNTLTCPTDCFRKHPEATYTKCGSGPW
LTPRCLVDYPYRLWHYPCTVNFTIFKVRMYVGGVEHRLNAACNIGHHHHHH
;
A
2 'polypeptide(L)'
;METDTLLLWVLLLWVPGSTGDQVQPVQSGAEVKKPGSSVKVSCEASGGTHSNYVITWVRQAPGQGLEWMGGFIPDFRTAM
YAQGFQGRVTITADESTSLAYMELTNLRSEDTAVYYCARGPLSRGYYDYWGPGTLVTVSASTKGPSVFPLAPSSKSTSGG
TAALGCLVKDYFPEPVTVSWNSGALTSGVHTFPAVLQSSGLYSLSSVVTVPSSSLGTQTYICNVNHKPSNTKVDKRVEPK
SCDKTAGWSHPQFEK
;
E,N
3 'polypeptide(L)'
;METDTLLLWVLLLWVPGSTGDSYVLTQPPSVSVAPGQTASITCSGDKLGDKYVSWYQQRPGQSPVLVLYQDSKRPSGIPE
RFSGSNSGNTATLTISGTQAMDEADYYCQAWDSSALVFGGGTKLTVLRTVAAPSVFIFPPSDEQLKSGTASVVCLLNNFY
PREAKVQWKVDNALQSGNSQESVTEQDSKDSTYSLSSTLTLSKADYEKHKVYACEVTHQGLSSPVTKSFNRGEC
;
F,M
#
# COMPACT_ATOMS: atom_id res chain seq x y z
N LEU A 51 -25.33 40.92 1.22
CA LEU A 51 -26.77 41.11 1.02
C LEU A 51 -27.52 39.79 1.22
N ILE A 52 -28.79 39.77 0.82
CA ILE A 52 -29.58 38.56 0.96
C ILE A 52 -28.99 37.43 0.12
N ASN A 53 -28.58 37.74 -1.12
CA ASN A 53 -27.98 36.75 -2.00
C ASN A 53 -26.46 36.79 -1.89
N THR A 54 -25.82 35.78 -2.47
CA THR A 54 -24.36 35.66 -2.41
C THR A 54 -23.89 34.92 -3.65
N ASN A 55 -23.10 35.60 -4.48
CA ASN A 55 -22.55 35.03 -5.70
C ASN A 55 -21.08 34.68 -5.51
N GLY A 56 -20.58 33.85 -6.42
CA GLY A 56 -19.20 33.39 -6.36
C GLY A 56 -19.03 32.00 -5.76
N SER A 57 -20.12 31.29 -5.48
CA SER A 57 -20.06 29.94 -4.96
C SER A 57 -19.36 29.89 -3.61
N TRP A 58 -19.77 30.78 -2.70
CA TRP A 58 -19.24 30.77 -1.34
C TRP A 58 -20.28 31.40 -0.41
N HIS A 59 -21.03 30.55 0.30
CA HIS A 59 -21.79 30.99 1.45
C HIS A 59 -20.92 30.75 2.68
N ILE A 60 -21.37 31.16 3.86
CA ILE A 60 -20.45 31.16 4.99
C ILE A 60 -20.79 30.03 5.95
N ASN A 61 -21.87 30.18 6.73
CA ASN A 61 -22.49 29.03 7.36
C ASN A 61 -24.00 29.21 7.51
N ARG A 62 -24.57 30.28 6.98
CA ARG A 62 -25.85 30.77 7.49
C ARG A 62 -27.03 29.95 6.94
N THR A 63 -26.74 28.78 6.39
CA THR A 63 -27.77 27.87 5.92
C THR A 63 -28.65 27.41 7.09
N ALA A 64 -29.74 26.75 6.75
CA ALA A 64 -30.69 26.24 7.74
C ALA A 64 -30.32 24.79 8.05
N LEU A 65 -29.72 24.57 9.22
CA LEU A 65 -29.34 23.23 9.65
C LEU A 65 -30.47 22.60 10.47
N ASN A 66 -31.62 22.41 9.82
CA ASN A 66 -32.78 21.77 10.42
C ASN A 66 -33.21 20.64 9.49
N CYS A 67 -32.90 19.41 9.87
CA CYS A 67 -33.21 18.21 9.09
C CYS A 67 -33.83 17.18 10.01
N ASN A 68 -34.30 16.07 9.45
CA ASN A 68 -34.99 15.08 10.28
C ASN A 68 -34.28 13.73 10.30
N ASP A 69 -34.46 13.02 11.41
CA ASP A 69 -33.87 11.70 11.64
C ASP A 69 -34.87 10.61 12.01
N SER A 70 -36.10 10.95 12.40
CA SER A 70 -37.08 9.90 12.71
C SER A 70 -37.28 8.98 11.51
N LEU A 71 -37.54 9.56 10.35
CA LEU A 71 -37.83 8.75 9.18
C LEU A 71 -36.61 7.91 8.80
N HIS A 72 -36.86 6.67 8.39
CA HIS A 72 -35.79 5.73 8.10
C HIS A 72 -35.34 5.77 6.64
N THR A 73 -35.85 6.72 5.86
CA THR A 73 -35.49 6.79 4.45
C THR A 73 -34.01 7.05 4.24
N GLY A 74 -33.37 7.76 5.17
CA GLY A 74 -31.94 8.00 5.08
C GLY A 74 -31.52 8.88 3.91
N PHE A 75 -32.34 9.88 3.58
CA PHE A 75 -31.96 10.79 2.49
C PHE A 75 -30.64 11.50 2.82
N LEU A 76 -30.48 11.91 4.08
CA LEU A 76 -29.24 12.55 4.48
C LEU A 76 -28.07 11.57 4.40
N ALA A 77 -28.29 10.32 4.82
CA ALA A 77 -27.26 9.31 4.70
C ALA A 77 -26.94 8.98 3.25
N ALA A 78 -27.80 9.38 2.32
CA ALA A 78 -27.57 9.14 0.90
C ALA A 78 -26.78 10.27 0.24
N LEU A 79 -25.95 10.98 0.99
CA LEU A 79 -25.16 12.08 0.46
C LEU A 79 -23.76 11.66 0.03
N PHE A 80 -23.22 10.57 0.57
CA PHE A 80 -21.89 10.13 0.19
C PHE A 80 -21.86 9.49 -1.20
N TYR A 81 -22.96 8.86 -1.61
CA TYR A 81 -22.97 8.09 -2.85
C TYR A 81 -24.33 8.20 -3.51
N THR A 82 -24.37 7.90 -4.80
CA THR A 82 -25.59 7.87 -5.58
C THR A 82 -25.70 6.54 -6.31
N HIS A 83 -26.93 6.11 -6.53
CA HIS A 83 -27.19 4.82 -7.16
C HIS A 83 -27.23 4.95 -8.68
N LYS A 84 -27.23 3.81 -9.36
CA LYS A 84 -27.33 3.80 -10.80
C LYS A 84 -28.75 4.15 -11.24
N PHE A 85 -28.90 4.43 -12.54
CA PHE A 85 -30.19 4.85 -13.07
C PHE A 85 -31.26 3.79 -12.82
N ASN A 86 -30.98 2.54 -13.14
CA ASN A 86 -31.96 1.48 -13.03
C ASN A 86 -31.94 0.75 -11.69
N ALA A 87 -31.01 1.09 -10.80
CA ALA A 87 -30.92 0.42 -9.51
C ALA A 87 -31.84 1.03 -8.45
N SER A 88 -32.39 2.22 -8.69
CA SER A 88 -33.25 2.90 -7.73
C SER A 88 -34.69 3.00 -8.19
N GLY A 89 -35.08 2.27 -9.22
CA GLY A 89 -36.45 2.31 -9.70
C GLY A 89 -36.88 3.67 -10.21
N CYS A 90 -36.00 4.35 -10.95
CA CYS A 90 -36.38 5.63 -11.56
C CYS A 90 -37.50 5.51 -12.58
N PRO A 91 -37.52 4.54 -13.51
CA PRO A 91 -38.49 4.63 -14.61
C PRO A 91 -39.94 4.56 -14.15
N GLU A 92 -40.20 4.03 -12.96
CA GLU A 92 -41.55 4.15 -12.39
C GLU A 92 -41.88 5.62 -12.15
N ARG A 93 -40.95 6.37 -11.56
CA ARG A 93 -41.17 7.78 -11.26
C ARG A 93 -40.95 8.69 -12.46
N MET A 94 -40.41 8.17 -13.56
CA MET A 94 -40.15 8.96 -14.76
C MET A 94 -41.19 8.73 -15.86
N ALA A 95 -42.15 7.83 -15.64
CA ALA A 95 -43.11 7.46 -16.67
C ALA A 95 -44.39 8.29 -16.62
N HIS A 96 -44.46 9.30 -15.76
CA HIS A 96 -45.69 10.06 -15.55
C HIS A 96 -45.74 11.36 -16.35
N CYS A 97 -44.74 11.65 -17.18
CA CYS A 97 -44.73 12.88 -17.96
C CYS A 97 -44.31 12.60 -19.40
N ARG A 98 -44.84 13.42 -20.30
CA ARG A 98 -44.77 13.17 -21.75
C ARG A 98 -43.43 13.62 -22.31
N PRO A 99 -42.71 12.76 -23.02
CA PRO A 99 -41.29 13.05 -23.30
C PRO A 99 -40.99 14.24 -24.22
N ILE A 100 -41.51 14.24 -25.45
CA ILE A 100 -40.94 15.11 -26.48
C ILE A 100 -41.93 16.20 -26.92
N ASP A 101 -43.02 15.79 -27.56
CA ASP A 101 -43.98 16.73 -28.15
C ASP A 101 -45.34 16.46 -27.51
N GLU A 102 -45.82 17.43 -26.73
CA GLU A 102 -46.95 17.22 -25.82
C GLU A 102 -48.28 17.57 -26.48
N PHE A 103 -48.51 17.03 -27.68
CA PHE A 103 -49.79 17.13 -28.37
C PHE A 103 -50.34 18.57 -28.29
N ALA A 104 -49.62 19.48 -28.92
CA ALA A 104 -50.04 20.88 -28.95
C ALA A 104 -49.43 21.55 -30.17
N GLN A 105 -50.03 22.69 -30.56
CA GLN A 105 -49.53 23.48 -31.66
C GLN A 105 -49.39 24.94 -31.25
N GLY A 106 -50.32 25.42 -30.43
CA GLY A 106 -50.35 26.81 -30.01
C GLY A 106 -51.76 27.34 -29.93
N TRP A 107 -52.01 28.46 -30.61
CA TRP A 107 -53.37 29.00 -30.67
C TRP A 107 -54.24 28.13 -31.56
N ILE A 110 -48.93 36.51 -26.29
CA ILE A 110 -48.10 36.33 -25.12
C ILE A 110 -48.84 36.75 -23.86
N THR A 111 -49.03 35.81 -22.94
CA THR A 111 -49.73 36.08 -21.69
C THR A 111 -49.21 35.14 -20.62
N TYR A 112 -49.44 35.52 -19.37
CA TYR A 112 -48.98 34.76 -18.22
C TYR A 112 -50.17 34.14 -17.49
N ALA A 113 -50.01 32.90 -17.07
CA ALA A 113 -51.06 32.16 -16.36
C ALA A 113 -50.61 31.89 -14.94
N GLU A 114 -51.46 32.24 -13.97
CA GLU A 114 -51.15 31.96 -12.57
C GLU A 114 -51.45 30.50 -12.23
N GLY A 115 -52.71 30.10 -12.36
CA GLY A 115 -53.07 28.71 -12.11
C GLY A 115 -52.60 28.26 -10.74
N HIS A 116 -52.05 27.05 -10.70
CA HIS A 116 -51.49 26.54 -9.46
C HIS A 116 -50.89 25.15 -9.71
N GLY A 117 -50.03 24.73 -8.80
CA GLY A 117 -49.54 23.37 -8.74
C GLY A 117 -48.70 23.20 -7.50
N SER A 118 -49.01 22.17 -6.69
CA SER A 118 -48.42 22.08 -5.35
C SER A 118 -48.12 20.66 -4.89
N ASP A 119 -48.31 19.64 -5.71
CA ASP A 119 -48.38 18.27 -5.21
C ASP A 119 -47.25 17.38 -5.69
N GLN A 120 -47.05 17.27 -7.00
CA GLN A 120 -46.23 16.20 -7.56
C GLN A 120 -44.74 16.54 -7.48
N ARG A 121 -43.92 15.50 -7.53
CA ARG A 121 -42.48 15.67 -7.40
C ARG A 121 -41.91 16.40 -8.62
N PRO A 122 -40.96 17.31 -8.42
CA PRO A 122 -40.35 18.03 -9.56
C PRO A 122 -39.14 17.30 -10.13
N TYR A 123 -39.35 16.05 -10.55
CA TYR A 123 -38.26 15.22 -11.04
C TYR A 123 -38.15 15.18 -12.56
N CYS A 124 -39.18 15.59 -13.29
CA CYS A 124 -39.05 15.79 -14.73
C CYS A 124 -39.56 17.19 -15.08
N TRP A 125 -39.16 17.65 -16.27
CA TRP A 125 -39.23 19.06 -16.61
C TRP A 125 -40.65 19.62 -16.69
N HIS A 126 -41.68 18.77 -16.70
CA HIS A 126 -43.05 19.26 -16.64
C HIS A 126 -43.39 19.68 -15.22
N TYR A 127 -43.80 20.93 -15.05
CA TYR A 127 -44.20 21.45 -13.76
C TYR A 127 -44.87 22.80 -13.94
N ALA A 128 -45.63 23.20 -12.93
CA ALA A 128 -46.25 24.52 -12.87
C ALA A 128 -45.94 25.12 -11.49
N PRO A 129 -44.68 25.46 -11.24
CA PRO A 129 -44.30 25.92 -9.90
C PRO A 129 -45.02 27.19 -9.52
N ARG A 130 -45.31 27.32 -8.23
CA ARG A 130 -46.03 28.47 -7.70
C ARG A 130 -45.05 29.55 -7.25
N GLN A 131 -45.59 30.66 -6.78
CA GLN A 131 -44.78 31.80 -6.35
C GLN A 131 -44.57 31.73 -4.84
N CYS A 132 -43.33 31.85 -4.40
CA CYS A 132 -42.97 31.83 -3.00
C CYS A 132 -42.20 33.10 -2.67
N GLY A 133 -42.67 33.83 -1.66
CA GLY A 133 -41.97 35.02 -1.24
C GLY A 133 -41.12 34.83 0.01
N THR A 134 -41.71 34.27 1.05
CA THR A 134 -41.02 33.98 2.30
C THR A 134 -41.33 32.57 2.73
N ILE A 135 -40.33 31.90 3.31
CA ILE A 135 -40.51 30.54 3.83
C ILE A 135 -39.95 30.44 5.24
N PRO A 136 -40.67 29.81 6.17
CA PRO A 136 -40.10 29.59 7.50
C PRO A 136 -38.81 28.78 7.40
N ALA A 137 -37.84 29.13 8.25
CA ALA A 137 -36.55 28.46 8.25
C ALA A 137 -36.57 27.12 8.97
N SER A 138 -37.67 26.78 9.65
CA SER A 138 -37.75 25.51 10.36
C SER A 138 -37.87 24.32 9.42
N GLN A 139 -38.12 24.55 8.14
CA GLN A 139 -38.33 23.47 7.19
C GLN A 139 -37.14 23.20 6.28
N VAL A 140 -36.20 24.14 6.19
CA VAL A 140 -35.13 24.04 5.19
C VAL A 140 -34.00 23.17 5.72
N CYS A 141 -33.54 22.24 4.88
CA CYS A 141 -32.40 21.36 5.16
C CYS A 141 -31.38 21.51 4.04
N GLY A 142 -30.44 22.43 4.21
CA GLY A 142 -29.37 22.62 3.26
C GLY A 142 -29.48 23.92 2.50
N PRO A 143 -28.50 24.20 1.65
CA PRO A 143 -28.53 25.46 0.90
C PRO A 143 -29.75 25.56 0.00
N VAL A 144 -30.21 26.79 -0.19
CA VAL A 144 -31.37 27.09 -1.02
C VAL A 144 -30.85 27.77 -2.28
N TYR A 145 -30.66 26.99 -3.35
CA TYR A 145 -30.01 27.51 -4.55
C TYR A 145 -31.04 28.16 -5.47
N CYS A 146 -30.80 29.41 -5.84
CA CYS A 146 -31.67 30.15 -6.74
C CYS A 146 -30.92 30.54 -8.00
N PHE A 147 -31.62 30.51 -9.14
CA PHE A 147 -30.97 30.49 -10.44
C PHE A 147 -31.20 31.80 -11.17
N THR A 148 -30.10 32.50 -11.47
CA THR A 148 -30.09 33.80 -12.13
C THR A 148 -30.32 33.79 -13.64
N PRO A 149 -29.90 32.76 -14.40
CA PRO A 149 -29.60 31.34 -14.09
C PRO A 149 -28.38 31.01 -13.23
N SER A 150 -27.30 31.77 -13.24
CA SER A 150 -26.10 31.35 -12.54
C SER A 150 -26.43 31.05 -11.08
N PRO A 151 -26.03 29.89 -10.54
CA PRO A 151 -26.47 29.52 -9.19
C PRO A 151 -26.04 30.55 -8.17
N VAL A 152 -26.94 30.81 -7.21
CA VAL A 152 -26.70 31.79 -6.15
C VAL A 152 -27.32 31.25 -4.87
N VAL A 153 -26.71 31.57 -3.75
CA VAL A 153 -27.16 31.07 -2.45
C VAL A 153 -27.80 32.21 -1.67
N VAL A 154 -28.95 31.92 -1.07
CA VAL A 154 -29.61 32.82 -0.13
C VAL A 154 -29.55 32.18 1.24
N GLY A 155 -29.26 33.00 2.26
CA GLY A 155 -29.12 32.53 3.62
C GLY A 155 -30.22 33.09 4.52
N THR A 156 -30.31 32.51 5.72
CA THR A 156 -31.36 32.90 6.64
C THR A 156 -31.28 34.39 6.96
N THR A 157 -32.44 35.04 6.99
CA THR A 157 -32.52 36.47 7.27
C THR A 157 -33.67 36.72 8.24
N ASP A 158 -33.51 37.75 9.06
CA ASP A 158 -34.56 38.12 9.99
C ASP A 158 -35.72 38.77 9.22
N ARG A 159 -36.86 38.91 9.91
CA ARG A 159 -38.05 39.47 9.28
C ARG A 159 -37.74 40.79 8.60
N PHE A 160 -37.07 41.69 9.30
CA PHE A 160 -36.81 43.03 8.77
C PHE A 160 -35.57 43.09 7.89
N GLY A 161 -34.90 41.97 7.66
CA GLY A 161 -33.74 41.93 6.78
C GLY A 161 -32.40 41.84 7.49
N ALA A 162 -32.38 41.67 8.81
CA ALA A 162 -31.13 41.58 9.54
C ALA A 162 -30.58 40.15 9.45
N PRO A 163 -29.36 39.96 8.94
CA PRO A 163 -28.80 38.61 8.90
C PRO A 163 -28.69 38.02 10.31
N THR A 164 -28.93 36.71 10.39
CA THR A 164 -28.89 35.98 11.66
C THR A 164 -27.85 34.87 11.57
N TYR A 165 -27.15 34.63 12.67
CA TYR A 165 -26.14 33.58 12.76
C TYR A 165 -26.56 32.61 13.86
N THR A 166 -27.43 31.66 13.50
CA THR A 166 -27.85 30.62 14.45
C THR A 166 -27.93 29.25 13.79
N TRP A 167 -27.42 29.09 12.57
CA TRP A 167 -27.55 27.84 11.82
C TRP A 167 -29.01 27.46 11.63
N GLY A 168 -29.89 28.45 11.59
CA GLY A 168 -31.31 28.20 11.38
C GLY A 168 -32.02 27.60 12.57
N GLU A 169 -31.38 27.55 13.74
CA GLU A 169 -31.99 26.90 14.88
C GLU A 169 -33.11 27.74 15.49
N ASN A 170 -32.92 29.06 15.55
CA ASN A 170 -33.88 29.90 16.27
C ASN A 170 -35.23 29.89 15.56
N GLU A 171 -36.29 29.93 16.35
CA GLU A 171 -37.64 29.77 15.81
C GLU A 171 -37.99 30.88 14.82
N THR A 172 -37.67 32.13 15.18
CA THR A 172 -38.14 33.27 14.39
C THR A 172 -37.46 33.38 13.03
N ASP A 173 -36.40 32.62 12.78
CA ASP A 173 -35.67 32.74 11.53
C ASP A 173 -36.56 32.38 10.35
N VAL A 174 -36.46 33.17 9.28
CA VAL A 174 -37.19 32.93 8.03
C VAL A 174 -36.24 33.21 6.88
N LEU A 175 -36.69 32.86 5.67
CA LEU A 175 -35.96 33.13 4.44
C LEU A 175 -36.83 34.00 3.55
N ILE A 176 -36.30 35.17 3.17
CA ILE A 176 -36.99 36.09 2.27
C ILE A 176 -36.43 35.86 0.88
N LEU A 177 -37.28 35.40 -0.03
CA LEU A 177 -36.91 35.17 -1.42
C LEU A 177 -38.15 35.45 -2.27
N ASN A 178 -38.24 36.69 -2.76
CA ASN A 178 -39.41 37.19 -3.48
C ASN A 178 -39.17 36.87 -4.95
N ASN A 179 -39.51 35.64 -5.36
CA ASN A 179 -39.20 35.17 -6.71
C ASN A 179 -39.60 36.20 -7.75
N THR A 180 -38.62 36.65 -8.53
CA THR A 180 -38.84 37.70 -9.52
C THR A 180 -37.82 37.56 -10.65
N ARG A 181 -38.25 37.89 -11.86
CA ARG A 181 -37.40 37.71 -13.03
C ARG A 181 -36.21 38.70 -13.01
N PRO A 182 -35.03 38.27 -13.46
CA PRO A 182 -33.86 39.15 -13.40
C PRO A 182 -34.08 40.47 -14.13
N PRO A 183 -34.78 40.46 -15.27
CA PRO A 183 -35.09 41.74 -15.92
C PRO A 183 -35.70 42.76 -14.98
N GLN A 184 -36.42 42.31 -13.96
CA GLN A 184 -36.92 43.17 -12.89
C GLN A 184 -36.17 42.96 -11.57
N GLY A 185 -35.14 42.13 -11.56
CA GLY A 185 -34.35 41.85 -10.38
C GLY A 185 -34.55 40.44 -9.86
N ASN A 186 -33.65 40.04 -8.97
CA ASN A 186 -33.77 38.75 -8.27
C ASN A 186 -33.59 37.62 -9.29
N TRP A 187 -34.16 36.45 -8.98
CA TRP A 187 -33.87 35.20 -9.68
C TRP A 187 -35.14 34.59 -10.24
N PHE A 188 -34.98 33.83 -11.33
CA PHE A 188 -36.14 33.21 -11.98
C PHE A 188 -36.91 32.34 -11.00
N GLY A 189 -36.21 31.44 -10.33
CA GLY A 189 -36.83 30.52 -9.40
C GLY A 189 -35.75 29.71 -8.72
N CYS A 190 -36.16 28.85 -7.81
CA CYS A 190 -35.15 28.15 -7.04
C CYS A 190 -35.68 27.00 -6.21
N THR A 191 -34.73 26.31 -5.56
CA THR A 191 -34.91 24.94 -5.12
C THR A 191 -34.16 24.70 -3.81
N TRP A 192 -34.68 23.75 -3.02
CA TRP A 192 -34.03 23.28 -1.80
C TRP A 192 -34.65 21.94 -1.41
N MET A 193 -34.24 21.43 -0.25
CA MET A 193 -34.64 20.10 0.25
C MET A 193 -35.32 20.27 1.60
N ASN A 194 -36.58 19.86 1.69
CA ASN A 194 -37.33 20.14 2.89
C ASN A 194 -36.83 19.23 4.02
N SER A 195 -37.06 19.65 5.26
CA SER A 195 -36.45 18.94 6.39
C SER A 195 -36.89 17.49 6.45
N THR A 196 -38.17 17.22 6.16
CA THR A 196 -38.67 15.86 6.25
C THR A 196 -38.06 14.92 5.21
N GLY A 197 -37.37 15.45 4.20
CA GLY A 197 -36.64 14.61 3.27
C GLY A 197 -37.21 14.53 1.86
N PHE A 198 -37.65 15.65 1.30
CA PHE A 198 -38.15 15.70 -0.07
C PHE A 198 -37.76 17.01 -0.74
N THR A 199 -37.46 16.95 -2.03
CA THR A 199 -37.11 18.17 -2.75
C THR A 199 -38.33 19.06 -2.94
N LYS A 200 -38.08 20.37 -3.02
CA LYS A 200 -39.11 21.36 -3.35
C LYS A 200 -38.58 22.30 -4.43
N THR A 201 -39.51 23.05 -5.00
CA THR A 201 -39.17 24.01 -6.05
C THR A 201 -40.17 25.15 -6.02
N CYS A 202 -39.76 26.27 -6.62
CA CYS A 202 -40.64 27.43 -6.73
C CYS A 202 -40.07 28.34 -7.81
N GLY A 203 -40.92 29.23 -8.31
CA GLY A 203 -40.46 30.13 -9.36
C GLY A 203 -41.61 30.95 -9.92
N GLY A 204 -41.33 31.58 -11.06
CA GLY A 204 -42.27 32.47 -11.69
C GLY A 204 -43.39 31.73 -12.38
N PRO A 205 -44.33 32.49 -12.92
CA PRO A 205 -45.53 31.89 -13.51
C PRO A 205 -45.26 31.36 -14.91
N PRO A 206 -45.84 30.22 -15.28
CA PRO A 206 -45.78 29.79 -16.68
C PRO A 206 -46.48 30.78 -17.59
N CYS A 207 -46.00 30.86 -18.83
CA CYS A 207 -46.47 31.86 -19.78
C CYS A 207 -47.39 31.21 -20.80
N ASN A 208 -48.57 31.82 -20.99
CA ASN A 208 -49.49 31.43 -22.06
C ASN A 208 -49.72 29.92 -22.08
N ASN A 214 -58.62 18.93 -26.22
CA ASN A 214 -58.40 17.58 -25.72
C ASN A 214 -56.94 17.37 -25.36
N ASN A 215 -56.29 18.44 -24.89
CA ASN A 215 -54.87 18.41 -24.57
C ASN A 215 -54.49 19.76 -23.96
N THR A 216 -53.28 19.83 -23.42
CA THR A 216 -52.80 21.03 -22.77
C THR A 216 -51.27 21.01 -22.76
N LEU A 217 -50.69 22.19 -22.50
CA LEU A 217 -49.23 22.29 -22.40
C LEU A 217 -48.92 23.52 -21.55
N THR A 218 -48.34 23.30 -20.38
CA THR A 218 -47.80 24.37 -19.56
C THR A 218 -46.29 24.39 -19.74
N CYS A 219 -45.76 25.53 -20.19
CA CYS A 219 -44.34 25.63 -20.47
C CYS A 219 -43.66 26.42 -19.35
N PRO A 220 -42.92 25.77 -18.46
CA PRO A 220 -42.09 26.51 -17.50
C PRO A 220 -40.76 26.95 -18.05
N THR A 221 -40.35 26.47 -19.22
CA THR A 221 -39.05 26.78 -19.79
C THR A 221 -39.02 26.30 -21.24
N ASP A 222 -38.03 26.80 -21.98
CA ASP A 222 -37.79 26.38 -23.36
C ASP A 222 -39.04 26.53 -24.22
N CYS A 223 -39.67 25.40 -24.56
CA CYS A 223 -40.79 25.36 -25.50
C CYS A 223 -40.56 26.32 -26.68
N PHE A 224 -39.39 26.16 -27.32
CA PHE A 224 -39.07 27.01 -28.46
C PHE A 224 -40.07 26.82 -29.59
N ARG A 225 -40.31 25.58 -30.00
CA ARG A 225 -41.17 25.31 -31.14
C ARG A 225 -42.64 25.32 -30.80
N LYS A 226 -43.00 25.33 -29.52
CA LYS A 226 -44.40 25.30 -29.11
C LYS A 226 -44.92 26.67 -28.72
N HIS A 227 -44.17 27.72 -29.05
CA HIS A 227 -44.54 29.09 -28.70
C HIS A 227 -43.82 30.01 -29.68
N PRO A 228 -44.28 31.26 -29.84
CA PRO A 228 -43.53 32.20 -30.68
C PRO A 228 -42.18 32.53 -30.09
N GLU A 229 -41.28 31.54 -30.13
CA GLU A 229 -39.91 31.70 -29.65
C GLU A 229 -39.87 32.08 -28.18
N ALA A 230 -40.46 31.22 -27.36
CA ALA A 230 -40.36 31.36 -25.92
C ALA A 230 -38.99 30.90 -25.46
N THR A 231 -38.29 31.77 -24.73
CA THR A 231 -36.93 31.53 -24.30
C THR A 231 -36.86 31.46 -22.77
N TYR A 232 -35.72 31.00 -22.27
CA TYR A 232 -35.53 30.93 -20.83
C TYR A 232 -35.54 32.32 -20.21
N THR A 233 -34.90 33.29 -20.87
CA THR A 233 -34.85 34.64 -20.31
C THR A 233 -36.25 35.19 -20.06
N LYS A 234 -37.23 34.71 -20.81
CA LYS A 234 -38.60 35.21 -20.71
C LYS A 234 -39.47 34.36 -19.80
N CYS A 235 -39.50 33.04 -20.00
CA CYS A 235 -40.43 32.17 -19.29
C CYS A 235 -39.78 31.21 -18.30
N GLY A 236 -38.46 31.08 -18.30
CA GLY A 236 -37.81 30.13 -17.42
C GLY A 236 -38.14 30.33 -15.96
N SER A 237 -38.49 29.24 -15.26
CA SER A 237 -38.84 29.29 -13.86
C SER A 237 -37.84 28.55 -12.98
N GLY A 238 -37.59 27.28 -13.26
CA GLY A 238 -36.70 26.48 -12.45
C GLY A 238 -35.33 26.34 -13.08
N PRO A 239 -34.57 25.35 -12.63
CA PRO A 239 -33.24 25.08 -13.22
C PRO A 239 -33.28 24.34 -14.56
N TRP A 240 -34.45 24.22 -15.18
CA TRP A 240 -34.60 23.47 -16.42
C TRP A 240 -34.38 24.41 -17.59
N LEU A 241 -33.15 24.42 -18.13
CA LEU A 241 -32.88 25.24 -19.30
C LEU A 241 -33.62 24.73 -20.52
N THR A 242 -33.60 23.41 -20.73
CA THR A 242 -34.33 22.77 -21.81
C THR A 242 -35.00 21.53 -21.24
N PRO A 243 -35.81 20.81 -22.02
CA PRO A 243 -36.47 19.61 -21.46
C PRO A 243 -35.49 18.57 -20.92
N ARG A 244 -34.21 18.66 -21.27
CA ARG A 244 -33.24 17.65 -20.84
C ARG A 244 -31.92 18.27 -20.40
N CYS A 245 -31.95 19.46 -19.81
CA CYS A 245 -30.73 20.12 -19.38
C CYS A 245 -30.95 20.82 -18.05
N LEU A 246 -29.94 20.73 -17.18
CA LEU A 246 -29.98 21.30 -15.84
C LEU A 246 -28.83 22.27 -15.64
N VAL A 247 -29.07 23.26 -14.77
CA VAL A 247 -28.05 24.23 -14.38
C VAL A 247 -27.23 23.57 -13.28
N ASP A 248 -26.08 23.01 -13.64
CA ASP A 248 -25.29 22.23 -12.70
C ASP A 248 -24.83 23.10 -11.54
N TYR A 249 -24.92 22.53 -10.34
CA TYR A 249 -24.44 23.17 -9.12
C TYR A 249 -24.03 22.06 -8.15
N PRO A 250 -23.22 22.38 -7.13
CA PRO A 250 -22.61 21.32 -6.33
C PRO A 250 -23.59 20.32 -5.76
N TYR A 251 -24.78 20.75 -5.33
CA TYR A 251 -25.76 19.88 -4.72
C TYR A 251 -26.82 19.41 -5.71
N ARG A 252 -26.55 19.50 -7.01
CA ARG A 252 -27.53 19.08 -8.00
C ARG A 252 -27.83 17.58 -7.87
N LEU A 253 -26.79 16.77 -7.65
CA LEU A 253 -26.99 15.32 -7.56
C LEU A 253 -27.76 14.91 -6.32
N TRP A 254 -27.94 15.81 -5.35
CA TRP A 254 -28.68 15.50 -4.13
C TRP A 254 -30.14 15.93 -4.19
N HIS A 255 -30.47 16.92 -5.00
CA HIS A 255 -31.86 17.34 -5.19
C HIS A 255 -32.52 16.63 -6.37
N TYR A 256 -31.75 16.23 -7.37
CA TYR A 256 -32.25 15.50 -8.54
C TYR A 256 -31.38 14.27 -8.73
N PRO A 257 -31.58 13.22 -7.92
CA PRO A 257 -30.72 12.04 -8.00
C PRO A 257 -31.02 11.12 -9.18
N CYS A 258 -32.01 11.45 -10.01
CA CYS A 258 -32.30 10.68 -11.22
C CYS A 258 -31.73 11.32 -12.47
N THR A 259 -30.86 12.33 -12.31
CA THR A 259 -30.10 12.90 -13.42
C THR A 259 -28.62 12.58 -13.31
N VAL A 260 -28.28 11.49 -12.61
CA VAL A 260 -26.87 11.15 -12.39
C VAL A 260 -26.18 10.84 -13.70
N ASN A 261 -26.91 10.22 -14.64
CA ASN A 261 -26.31 9.78 -15.89
C ASN A 261 -26.08 10.91 -16.88
N PHE A 262 -26.53 12.13 -16.57
CA PHE A 262 -26.36 13.24 -17.51
C PHE A 262 -24.88 13.55 -17.70
N THR A 263 -24.53 13.94 -18.92
CA THR A 263 -23.15 14.34 -19.23
C THR A 263 -22.96 15.83 -18.94
N ILE A 264 -21.69 16.24 -18.90
CA ILE A 264 -21.34 17.60 -18.55
C ILE A 264 -21.25 18.43 -19.83
N PHE A 265 -21.40 19.75 -19.69
CA PHE A 265 -21.34 20.64 -20.84
C PHE A 265 -21.01 22.04 -20.34
N LYS A 266 -20.31 22.81 -21.17
CA LYS A 266 -20.06 24.22 -20.92
C LYS A 266 -20.87 25.06 -21.89
N VAL A 267 -21.56 26.08 -21.38
CA VAL A 267 -22.49 26.87 -22.18
C VAL A 267 -22.31 28.35 -21.89
N ARG A 268 -22.71 29.16 -22.86
CA ARG A 268 -22.76 30.61 -22.76
C ARG A 268 -24.18 31.07 -23.07
N MET A 269 -24.70 32.00 -22.27
CA MET A 269 -26.06 32.48 -22.45
C MET A 269 -26.10 33.99 -22.32
N TYR A 270 -27.09 34.60 -22.97
CA TYR A 270 -27.36 36.03 -22.86
C TYR A 270 -28.79 36.21 -22.36
N VAL A 271 -28.94 36.94 -21.24
CA VAL A 271 -30.24 37.23 -20.67
C VAL A 271 -30.36 38.75 -20.53
N GLY A 272 -31.46 39.31 -21.00
CA GLY A 272 -31.62 40.75 -21.00
C GLY A 272 -30.51 41.41 -21.79
N GLY A 273 -29.60 42.07 -21.08
CA GLY A 273 -28.45 42.69 -21.72
C GLY A 273 -27.14 42.26 -21.09
N VAL A 274 -27.15 41.12 -20.39
CA VAL A 274 -25.97 40.63 -19.70
C VAL A 274 -25.69 39.21 -20.17
N GLU A 275 -24.47 38.75 -19.87
CA GLU A 275 -23.96 37.46 -20.35
C GLU A 275 -23.56 36.60 -19.16
N HIS A 276 -23.88 35.31 -19.25
CA HIS A 276 -23.57 34.34 -18.20
C HIS A 276 -22.82 33.16 -18.81
N ARG A 277 -21.68 32.83 -18.21
CA ARG A 277 -20.91 31.64 -18.54
C ARG A 277 -21.23 30.57 -17.50
N LEU A 278 -21.66 29.40 -17.95
CA LEU A 278 -22.25 28.43 -17.04
C LEU A 278 -21.83 27.02 -17.45
N ASN A 279 -21.86 26.11 -16.49
CA ASN A 279 -21.71 24.69 -16.77
C ASN A 279 -23.05 24.00 -16.54
N ALA A 280 -23.53 23.29 -17.55
CA ALA A 280 -24.83 22.62 -17.53
C ALA A 280 -24.64 21.11 -17.61
N ALA A 281 -25.71 20.39 -17.28
CA ALA A 281 -25.75 18.94 -17.37
C ALA A 281 -26.85 18.54 -18.33
N CYS A 282 -26.51 17.72 -19.33
CA CYS A 282 -27.45 17.33 -20.37
C CYS A 282 -27.16 15.89 -20.74
N ASN A 283 -28.23 15.10 -20.91
CA ASN A 283 -28.05 13.71 -21.33
C ASN A 283 -27.90 13.63 -22.84
N ILE A 284 -27.83 12.42 -23.36
CA ILE A 284 -27.72 12.21 -24.79
C ILE A 284 -29.11 12.32 -25.40
N GLY A 285 -29.48 13.53 -25.84
CA GLY A 285 -30.79 13.74 -26.44
C GLY A 285 -30.97 12.87 -27.67
N HIS A 286 -32.11 12.19 -27.75
CA HIS A 286 -32.30 11.19 -28.81
C HIS A 286 -32.83 11.81 -30.10
N HIS A 287 -32.32 12.96 -30.52
CA HIS A 287 -32.53 13.41 -31.90
C HIS A 287 -31.29 14.05 -32.49
N HIS A 288 -30.52 14.75 -31.67
CA HIS A 288 -29.54 15.71 -32.19
C HIS A 288 -28.67 16.32 -31.09
N HIS A 289 -27.46 16.74 -31.45
CA HIS A 289 -26.59 17.48 -30.53
C HIS A 289 -26.74 18.99 -30.73
N HIS A 290 -26.46 19.48 -31.93
CA HIS A 290 -26.51 20.90 -32.25
C HIS A 290 -27.77 21.24 -33.02
N HIS A 291 -28.32 22.41 -32.75
CA HIS A 291 -29.54 22.88 -33.41
C HIS A 291 -29.23 24.01 -34.37
N ALA B 30 7.08 3.66 15.74
CA ALA B 30 7.02 4.91 16.46
C ALA B 30 6.77 4.67 17.94
N GLU B 31 6.43 5.73 18.67
CA GLU B 31 6.16 5.61 20.10
C GLU B 31 4.92 4.76 20.30
N VAL B 32 5.01 3.76 21.16
CA VAL B 32 3.94 2.78 21.32
C VAL B 32 2.93 3.29 22.34
N LYS B 33 1.66 3.30 21.94
CA LYS B 33 0.60 3.77 22.83
C LYS B 33 0.23 2.66 23.82
N LYS B 34 0.07 3.05 25.08
CA LYS B 34 -0.28 2.08 26.10
C LYS B 34 -1.67 1.52 25.85
N PRO B 35 -1.90 0.23 26.10
CA PRO B 35 -3.24 -0.32 25.88
C PRO B 35 -4.27 0.36 26.77
N GLY B 36 -5.47 0.53 26.23
CA GLY B 36 -6.55 1.17 26.94
C GLY B 36 -6.59 2.68 26.84
N SER B 37 -5.60 3.30 26.20
CA SER B 37 -5.55 4.73 26.04
C SER B 37 -6.34 5.13 24.80
N SER B 38 -6.21 6.39 24.37
CA SER B 38 -6.92 6.92 23.23
C SER B 38 -5.96 7.65 22.31
N VAL B 39 -6.30 7.70 21.02
CA VAL B 39 -5.49 8.36 20.01
C VAL B 39 -6.41 9.24 19.16
N LYS B 40 -5.79 10.21 18.49
CA LYS B 40 -6.51 11.13 17.61
C LYS B 40 -5.87 11.13 16.24
N VAL B 41 -6.70 11.13 15.20
CA VAL B 41 -6.25 11.24 13.82
C VAL B 41 -6.88 12.49 13.23
N SER B 42 -6.05 13.37 12.69
CA SER B 42 -6.48 14.71 12.27
C SER B 42 -6.43 14.85 10.75
N CYS B 43 -7.23 15.79 10.25
CA CYS B 43 -7.32 16.06 8.82
C CYS B 43 -7.69 17.53 8.64
N GLU B 44 -7.36 18.06 7.45
CA GLU B 44 -7.80 19.40 7.11
C GLU B 44 -9.30 19.42 6.86
N ALA B 45 -9.92 20.55 7.21
CA ALA B 45 -11.37 20.68 7.10
C ALA B 45 -11.71 22.12 6.75
N SER B 46 -12.97 22.33 6.38
CA SER B 46 -13.42 23.66 6.00
C SER B 46 -13.39 24.61 7.20
N GLY B 47 -13.11 25.88 6.91
CA GLY B 47 -13.01 26.88 7.96
C GLY B 47 -14.30 27.63 8.20
N GLY B 48 -15.42 27.08 7.72
CA GLY B 48 -16.70 27.72 7.86
C GLY B 48 -17.22 28.30 6.56
N THR B 49 -17.04 27.57 5.47
CA THR B 49 -17.53 27.97 4.16
C THR B 49 -17.82 26.71 3.35
N HIS B 50 -18.15 26.89 2.07
CA HIS B 50 -18.38 25.74 1.20
C HIS B 50 -17.15 24.83 1.18
N SER B 51 -17.39 23.52 1.34
CA SER B 51 -16.34 22.53 1.24
C SER B 51 -16.26 21.92 -0.15
N ASN B 52 -17.34 21.29 -0.59
CA ASN B 52 -17.37 20.53 -1.85
C ASN B 52 -16.46 19.30 -1.77
N TYR B 53 -16.41 18.69 -0.58
CA TYR B 53 -15.74 17.40 -0.44
C TYR B 53 -16.27 16.70 0.80
N VAL B 54 -16.06 15.39 0.85
CA VAL B 54 -16.44 14.56 1.99
C VAL B 54 -15.19 13.81 2.46
N ILE B 55 -14.97 13.80 3.76
CA ILE B 55 -13.78 13.22 4.37
C ILE B 55 -14.12 11.82 4.87
N THR B 56 -13.13 10.94 4.85
CA THR B 56 -13.32 9.58 5.33
C THR B 56 -12.01 9.03 5.86
N TRP B 57 -12.12 8.02 6.73
CA TRP B 57 -10.97 7.41 7.42
C TRP B 57 -10.92 5.92 7.13
N VAL B 58 -9.74 5.44 6.72
CA VAL B 58 -9.54 4.04 6.36
C VAL B 58 -8.30 3.53 7.08
N ARG B 59 -8.44 2.39 7.76
CA ARG B 59 -7.35 1.77 8.50
C ARG B 59 -6.87 0.54 7.76
N GLN B 60 -5.55 0.36 7.73
CA GLN B 60 -4.92 -0.79 7.08
C GLN B 60 -3.97 -1.45 8.07
N ALA B 61 -4.30 -2.66 8.48
CA ALA B 61 -3.36 -3.46 9.24
C ALA B 61 -2.33 -4.05 8.28
N PRO B 62 -1.12 -4.35 8.75
CA PRO B 62 -0.06 -4.80 7.82
C PRO B 62 -0.46 -6.01 7.01
N GLY B 63 -0.59 -5.82 5.70
CA GLY B 63 -0.91 -6.91 4.79
C GLY B 63 -2.28 -7.52 5.00
N GLN B 64 -3.24 -6.75 5.53
CA GLN B 64 -4.57 -7.26 5.82
C GLN B 64 -5.68 -6.53 5.07
N GLY B 65 -5.34 -5.61 4.18
CA GLY B 65 -6.35 -4.90 3.41
C GLY B 65 -6.84 -3.64 4.11
N LEU B 66 -7.84 -3.02 3.48
CA LEU B 66 -8.38 -1.76 3.93
C LEU B 66 -9.71 -1.96 4.65
N GLU B 67 -9.94 -1.18 5.70
CA GLU B 67 -11.18 -1.19 6.45
C GLU B 67 -11.65 0.24 6.65
N TRP B 68 -12.95 0.47 6.44
CA TRP B 68 -13.55 1.78 6.62
C TRP B 68 -13.92 2.00 8.08
N MET B 69 -13.82 3.25 8.55
CA MET B 69 -14.38 3.61 9.84
C MET B 69 -15.58 4.54 9.70
N GLY B 70 -15.42 5.68 9.04
CA GLY B 70 -16.52 6.62 8.98
C GLY B 70 -16.26 7.76 8.02
N GLY B 71 -17.28 8.60 7.89
CA GLY B 71 -17.19 9.77 7.04
C GLY B 71 -17.80 10.98 7.71
N PHE B 72 -17.48 12.15 7.16
CA PHE B 72 -17.88 13.42 7.73
C PHE B 72 -18.05 14.43 6.60
N ILE B 73 -19.02 15.32 6.76
CA ILE B 73 -19.32 16.35 5.77
C ILE B 73 -19.19 17.71 6.45
N PRO B 74 -18.24 18.56 6.06
CA PRO B 74 -18.15 19.88 6.70
C PRO B 74 -19.44 20.68 6.64
N ASP B 75 -20.17 20.62 5.52
CA ASP B 75 -21.38 21.43 5.39
C ASP B 75 -22.45 21.00 6.39
N PHE B 76 -22.72 19.71 6.47
CA PHE B 76 -23.63 19.14 7.47
C PHE B 76 -22.79 18.44 8.52
N ARG B 77 -22.76 19.00 9.74
CA ARG B 77 -21.90 18.46 10.79
C ARG B 77 -22.16 17.00 11.09
N THR B 78 -23.25 16.42 10.57
CA THR B 78 -23.55 15.02 10.85
C THR B 78 -22.45 14.12 10.34
N ALA B 79 -22.04 13.16 11.18
CA ALA B 79 -21.05 12.17 10.83
C ALA B 79 -21.73 10.88 10.40
N MET B 80 -20.92 9.86 10.09
CA MET B 80 -21.46 8.56 9.71
C MET B 80 -20.43 7.51 10.10
N TYR B 81 -20.75 6.69 11.10
CA TYR B 81 -19.81 5.70 11.63
C TYR B 81 -20.13 4.31 11.08
N ALA B 82 -19.07 3.53 10.90
CA ALA B 82 -19.24 2.14 10.52
C ALA B 82 -19.77 1.33 11.70
N GLN B 83 -20.34 0.16 11.38
CA GLN B 83 -20.96 -0.65 12.44
C GLN B 83 -19.89 -1.24 13.36
N GLY B 84 -18.86 -1.85 12.79
CA GLY B 84 -17.90 -2.58 13.60
C GLY B 84 -17.28 -1.71 14.68
N PHE B 85 -17.02 -0.44 14.37
CA PHE B 85 -16.41 0.49 15.30
C PHE B 85 -17.43 1.47 15.86
N GLN B 86 -18.67 1.03 16.08
CA GLN B 86 -19.72 1.96 16.51
C GLN B 86 -19.48 2.54 17.90
N GLY B 87 -18.70 1.86 18.74
CA GLY B 87 -18.64 2.22 20.15
C GLY B 87 -17.38 2.93 20.61
N ARG B 88 -16.38 3.05 19.72
CA ARG B 88 -15.07 3.57 20.13
C ARG B 88 -14.63 4.80 19.34
N VAL B 89 -15.29 5.16 18.26
CA VAL B 89 -14.88 6.27 17.41
C VAL B 89 -15.77 7.48 17.68
N THR B 90 -15.17 8.66 17.68
CA THR B 90 -15.93 9.91 17.81
C THR B 90 -15.31 10.95 16.89
N ILE B 91 -16.09 11.44 15.92
CA ILE B 91 -15.61 12.37 14.91
C ILE B 91 -16.09 13.77 15.27
N THR B 92 -15.15 14.72 15.35
CA THR B 92 -15.51 16.10 15.67
C THR B 92 -14.54 17.03 14.96
N ALA B 93 -15.03 18.23 14.62
CA ALA B 93 -14.27 19.19 13.84
C ALA B 93 -14.32 20.56 14.48
N ASP B 94 -13.23 21.30 14.35
CA ASP B 94 -13.14 22.69 14.78
C ASP B 94 -12.96 23.57 13.54
N GLU B 95 -13.78 24.61 13.43
CA GLU B 95 -13.77 25.47 12.26
C GLU B 95 -12.76 26.61 12.40
N SER B 96 -12.50 27.08 13.62
CA SER B 96 -11.48 28.10 13.82
C SER B 96 -10.12 27.59 13.38
N THR B 97 -9.78 26.35 13.74
CA THR B 97 -8.55 25.72 13.30
C THR B 97 -8.69 25.03 11.95
N SER B 98 -9.91 24.93 11.42
CA SER B 98 -10.15 24.29 10.12
C SER B 98 -9.59 22.87 10.11
N LEU B 99 -9.88 22.13 11.16
CA LEU B 99 -9.29 20.80 11.37
C LEU B 99 -10.31 19.86 11.98
N ALA B 100 -10.47 18.69 11.36
CA ALA B 100 -11.43 17.68 11.81
C ALA B 100 -10.68 16.41 12.19
N TYR B 101 -10.99 15.87 13.36
CA TYR B 101 -10.27 14.71 13.87
C TYR B 101 -11.23 13.66 14.40
N MET B 102 -10.79 12.41 14.34
CA MET B 102 -11.47 11.29 14.96
C MET B 102 -10.66 10.85 16.18
N GLU B 103 -11.37 10.66 17.30
CA GLU B 103 -10.80 10.12 18.52
C GLU B 103 -11.20 8.66 18.66
N LEU B 104 -10.22 7.79 18.85
CA LEU B 104 -10.43 6.37 19.05
C LEU B 104 -9.96 6.00 20.44
N THR B 105 -10.84 5.36 21.22
CA THR B 105 -10.59 5.10 22.62
C THR B 105 -10.50 3.59 22.86
N ASN B 106 -9.77 3.23 23.92
CA ASN B 106 -9.63 1.83 24.34
C ASN B 106 -8.99 0.99 23.24
N LEU B 107 -7.77 1.36 22.88
CA LEU B 107 -7.02 0.60 21.89
C LEU B 107 -6.62 -0.76 22.45
N ARG B 108 -6.61 -1.75 21.57
CA ARG B 108 -6.22 -3.12 21.92
C ARG B 108 -5.17 -3.60 20.92
N SER B 109 -4.66 -4.81 21.16
CA SER B 109 -3.57 -5.33 20.34
C SER B 109 -3.95 -5.39 18.87
N GLU B 110 -5.24 -5.48 18.56
CA GLU B 110 -5.69 -5.57 17.17
C GLU B 110 -5.66 -4.24 16.44
N ASP B 111 -5.49 -3.12 17.15
CA ASP B 111 -5.64 -1.79 16.57
C ASP B 111 -4.28 -1.16 16.22
N THR B 112 -3.27 -1.97 15.95
CA THR B 112 -2.00 -1.48 15.44
C THR B 112 -2.04 -1.49 13.92
N ALA B 113 -1.95 -0.31 13.31
CA ALA B 113 -2.18 -0.22 11.86
C ALA B 113 -1.83 1.19 11.39
N VAL B 114 -1.99 1.39 10.08
CA VAL B 114 -1.74 2.68 9.42
C VAL B 114 -3.09 3.29 9.07
N TYR B 115 -3.25 4.58 9.38
CA TYR B 115 -4.49 5.30 9.17
C TYR B 115 -4.33 6.26 7.99
N TYR B 116 -5.26 6.18 7.05
CA TYR B 116 -5.28 7.03 5.86
C TYR B 116 -6.53 7.90 5.91
N CYS B 117 -6.39 9.13 5.46
CA CYS B 117 -7.45 10.14 5.52
C CYS B 117 -7.70 10.62 4.10
N ALA B 118 -8.89 10.35 3.58
CA ALA B 118 -9.19 10.60 2.17
C ALA B 118 -10.27 11.66 2.04
N ARG B 119 -10.21 12.39 0.92
CA ARG B 119 -11.12 13.50 0.65
C ARG B 119 -11.68 13.31 -0.75
N GLY B 120 -12.95 12.95 -0.85
CA GLY B 120 -13.57 12.66 -2.13
C GLY B 120 -14.61 13.68 -2.52
N PRO B 121 -15.04 13.65 -3.78
CA PRO B 121 -16.09 14.57 -4.23
C PRO B 121 -17.35 14.42 -3.38
N LEU B 122 -18.26 15.40 -3.55
CA LEU B 122 -19.35 15.57 -2.60
C LEU B 122 -20.34 14.41 -2.66
N SER B 123 -20.76 14.01 -3.87
CA SER B 123 -21.83 13.03 -4.00
C SER B 123 -21.55 11.98 -5.07
N ARG B 124 -20.27 11.67 -5.32
CA ARG B 124 -19.91 10.63 -6.28
C ARG B 124 -19.37 9.37 -5.63
N GLY B 125 -18.97 9.44 -4.36
CA GLY B 125 -18.61 8.23 -3.63
C GLY B 125 -17.38 7.51 -4.12
N TYR B 126 -16.38 8.24 -4.62
CA TYR B 126 -15.06 7.68 -4.86
C TYR B 126 -14.03 8.60 -4.23
N TYR B 127 -13.16 8.03 -3.41
CA TYR B 127 -12.23 8.81 -2.60
C TYR B 127 -10.93 9.03 -3.36
N ASP B 128 -10.50 10.28 -3.45
CA ASP B 128 -9.32 10.68 -4.20
C ASP B 128 -8.40 11.48 -3.28
N TYR B 129 -7.12 11.52 -3.64
CA TYR B 129 -6.09 12.20 -2.86
C TYR B 129 -6.01 11.58 -1.45
N TRP B 130 -5.55 10.33 -1.44
CA TRP B 130 -5.28 9.67 -0.18
C TRP B 130 -4.05 10.28 0.47
N GLY B 131 -4.23 10.90 1.62
CA GLY B 131 -3.17 11.64 2.27
C GLY B 131 -2.15 10.71 2.92
N PRO B 132 -1.07 11.29 3.44
CA PRO B 132 -0.04 10.47 4.08
C PRO B 132 -0.62 9.66 5.23
N GLY B 133 -0.15 8.42 5.35
CA GLY B 133 -0.64 7.56 6.42
C GLY B 133 0.10 7.79 7.72
N THR B 134 -0.61 7.57 8.82
CA THR B 134 -0.05 7.69 10.16
C THR B 134 -0.07 6.32 10.83
N LEU B 135 1.09 5.88 11.30
CA LEU B 135 1.20 4.56 11.92
C LEU B 135 0.95 4.66 13.41
N VAL B 136 0.21 3.69 13.94
CA VAL B 136 -0.05 3.61 15.38
C VAL B 136 0.20 2.18 15.82
N THR B 137 0.96 2.02 16.90
CA THR B 137 1.36 0.73 17.43
C THR B 137 1.00 0.65 18.91
N VAL B 138 0.57 -0.53 19.35
CA VAL B 138 0.31 -0.81 20.75
C VAL B 138 1.01 -2.11 21.10
N SER B 139 1.30 -2.29 22.38
CA SER B 139 2.09 -3.42 22.87
C SER B 139 1.19 -4.38 23.63
N ALA B 140 0.53 -5.27 22.87
CA ALA B 140 -0.20 -6.41 23.42
C ALA B 140 -0.85 -6.10 24.77
N SER B 141 -0.68 -6.98 25.75
CA SER B 141 -1.20 -6.78 27.10
C SER B 141 -0.14 -7.26 28.08
N THR B 142 -0.50 -7.32 29.36
CA THR B 142 0.38 -7.80 30.41
C THR B 142 -0.31 -8.94 31.16
N LYS B 143 0.31 -10.12 31.17
CA LYS B 143 -0.25 -11.26 31.87
C LYS B 143 0.88 -12.23 32.19
N GLY B 144 0.58 -13.16 33.11
CA GLY B 144 1.58 -14.08 33.60
C GLY B 144 1.85 -15.22 32.63
N PRO B 145 2.78 -16.09 33.02
CA PRO B 145 3.17 -17.21 32.16
C PRO B 145 2.29 -18.43 32.35
N SER B 146 2.46 -19.38 31.42
CA SER B 146 1.87 -20.71 31.54
C SER B 146 3.00 -21.73 31.63
N VAL B 147 2.93 -22.58 32.65
CA VAL B 147 3.98 -23.53 32.98
C VAL B 147 3.52 -24.92 32.57
N PHE B 148 4.40 -25.69 31.92
CA PHE B 148 4.10 -27.06 31.57
C PHE B 148 5.33 -27.92 31.85
N PRO B 149 5.14 -29.21 32.15
CA PRO B 149 6.28 -30.10 32.35
C PRO B 149 6.66 -30.81 31.06
N LEU B 150 7.82 -31.48 31.10
CA LEU B 150 8.28 -32.32 30.00
C LEU B 150 8.61 -33.69 30.56
N ALA B 151 7.95 -34.71 30.05
CA ALA B 151 8.12 -36.04 30.61
C ALA B 151 9.55 -36.52 30.36
N PRO B 152 10.28 -36.93 31.40
CA PRO B 152 11.59 -37.56 31.17
C PRO B 152 11.45 -38.94 30.56
N SER B 153 12.51 -39.36 29.88
CA SER B 153 12.52 -40.68 29.25
C SER B 153 12.35 -41.77 30.29
N SER B 154 11.24 -42.51 30.20
CA SER B 154 11.02 -43.63 31.10
C SER B 154 11.74 -44.90 30.67
N LYS B 155 12.52 -44.84 29.59
CA LYS B 155 13.22 -46.00 29.08
C LYS B 155 14.61 -46.09 29.71
N SER B 156 14.98 -47.29 30.14
CA SER B 156 16.27 -47.47 30.79
C SER B 156 17.41 -47.04 29.87
N THR B 157 18.38 -46.33 30.44
CA THR B 157 19.52 -45.81 29.71
C THR B 157 20.81 -46.36 30.31
N SER B 158 21.70 -46.82 29.43
CA SER B 158 22.98 -47.36 29.91
C SER B 158 23.83 -46.27 30.56
N GLY B 159 23.86 -45.08 29.96
CA GLY B 159 24.67 -44.01 30.51
C GLY B 159 24.20 -43.57 31.89
N GLY B 160 22.89 -43.46 32.07
CA GLY B 160 22.33 -43.03 33.34
C GLY B 160 22.15 -41.53 33.42
N THR B 161 21.47 -40.96 32.42
CA THR B 161 21.25 -39.51 32.38
C THR B 161 19.88 -39.25 31.79
N ALA B 162 19.02 -38.60 32.57
CA ALA B 162 17.68 -38.22 32.13
C ALA B 162 17.56 -36.70 32.19
N ALA B 163 16.96 -36.11 31.17
CA ALA B 163 16.85 -34.67 31.03
C ALA B 163 15.42 -34.25 31.35
N LEU B 164 15.20 -33.74 32.56
CA LEU B 164 13.91 -33.18 32.90
C LEU B 164 13.84 -31.73 32.44
N GLY B 165 12.62 -31.25 32.23
CA GLY B 165 12.45 -29.89 31.74
C GLY B 165 11.08 -29.34 32.05
N CYS B 166 11.03 -28.01 32.12
CA CYS B 166 9.78 -27.30 32.23
C CYS B 166 9.77 -26.09 31.29
N LEU B 167 8.61 -25.85 30.70
CA LEU B 167 8.45 -24.90 29.61
C LEU B 167 7.50 -23.79 30.06
N VAL B 168 7.94 -22.54 29.91
CA VAL B 168 7.18 -21.38 30.34
C VAL B 168 6.87 -20.55 29.09
N LYS B 169 5.59 -20.43 28.75
CA LYS B 169 5.22 -19.75 27.51
C LYS B 169 3.96 -18.92 27.69
N ASP B 170 3.80 -17.95 26.79
CA ASP B 170 2.72 -16.95 26.83
C ASP B 170 2.80 -16.12 28.11
N TYR B 171 3.87 -15.33 28.19
CA TYR B 171 4.01 -14.31 29.23
C TYR B 171 4.46 -13.01 28.58
N PHE B 172 4.18 -11.91 29.28
CA PHE B 172 4.60 -10.59 28.82
C PHE B 172 4.51 -9.64 30.01
N PRO B 173 5.50 -8.75 30.22
CA PRO B 173 6.75 -8.57 29.47
C PRO B 173 7.94 -9.32 30.07
N GLU B 174 9.10 -9.20 29.44
CA GLU B 174 10.32 -9.80 29.95
C GLU B 174 10.69 -9.13 31.28
N PRO B 175 11.40 -9.84 32.19
CA PRO B 175 11.81 -11.25 32.18
C PRO B 175 11.09 -12.13 33.20
N VAL B 176 11.44 -13.41 33.23
CA VAL B 176 10.98 -14.35 34.24
C VAL B 176 12.19 -15.05 34.83
N THR B 177 12.05 -15.54 36.06
CA THR B 177 13.13 -16.23 36.76
C THR B 177 12.69 -17.66 37.07
N VAL B 178 13.53 -18.62 36.74
CA VAL B 178 13.25 -20.04 36.95
C VAL B 178 14.31 -20.61 37.87
N SER B 179 13.88 -21.41 38.85
CA SER B 179 14.78 -22.09 39.77
C SER B 179 14.30 -23.52 39.96
N TRP B 180 15.18 -24.35 40.50
CA TRP B 180 14.88 -25.76 40.75
C TRP B 180 15.04 -26.05 42.24
N ASN B 181 13.98 -26.57 42.85
CA ASN B 181 13.99 -27.01 44.24
C ASN B 181 14.61 -25.97 45.16
N SER B 182 13.97 -24.80 45.21
CA SER B 182 14.33 -23.73 46.13
C SER B 182 15.74 -23.20 45.89
N GLY B 183 16.26 -23.36 44.68
CA GLY B 183 17.58 -22.85 44.34
C GLY B 183 18.74 -23.68 44.85
N ALA B 184 18.47 -24.83 45.48
CA ALA B 184 19.54 -25.69 45.97
C ALA B 184 20.09 -26.61 44.89
N LEU B 185 19.45 -26.67 43.72
CA LEU B 185 19.90 -27.51 42.61
C LEU B 185 20.32 -26.59 41.48
N THR B 186 21.63 -26.55 41.22
CA THR B 186 22.17 -25.72 40.15
C THR B 186 23.28 -26.39 39.36
N SER B 187 23.58 -27.66 39.62
CA SER B 187 24.61 -28.39 38.90
C SER B 187 23.98 -29.01 37.67
N GLY B 188 24.23 -28.40 36.51
CA GLY B 188 23.68 -28.87 35.25
C GLY B 188 22.46 -28.11 34.76
N VAL B 189 21.96 -27.14 35.52
CA VAL B 189 20.79 -26.40 35.09
C VAL B 189 21.12 -25.62 33.83
N HIS B 190 20.17 -25.60 32.90
CA HIS B 190 20.30 -24.87 31.64
C HIS B 190 19.02 -24.09 31.43
N THR B 191 19.11 -22.76 31.50
CA THR B 191 17.98 -21.85 31.30
C THR B 191 18.19 -21.17 29.96
N PHE B 192 17.46 -21.64 28.94
CA PHE B 192 17.64 -21.11 27.61
C PHE B 192 17.01 -19.72 27.50
N PRO B 193 17.61 -18.81 26.73
CA PRO B 193 17.06 -17.46 26.64
C PRO B 193 15.69 -17.44 25.98
N ALA B 194 14.88 -16.46 26.37
CA ALA B 194 13.52 -16.38 25.85
C ALA B 194 13.53 -16.14 24.35
N VAL B 195 12.50 -16.65 23.68
CA VAL B 195 12.32 -16.51 22.25
C VAL B 195 10.95 -15.86 22.01
N LEU B 196 10.91 -14.95 21.04
CA LEU B 196 9.68 -14.23 20.73
C LEU B 196 8.76 -15.09 19.88
N GLN B 197 7.52 -15.26 20.35
CA GLN B 197 6.54 -16.03 19.62
C GLN B 197 5.95 -15.21 18.48
N SER B 198 5.23 -15.88 17.58
CA SER B 198 4.59 -15.20 16.47
C SER B 198 3.46 -14.29 16.96
N SER B 199 2.71 -14.74 17.98
CA SER B 199 1.60 -13.94 18.48
C SER B 199 2.08 -12.62 19.05
N GLY B 200 3.20 -12.62 19.76
CA GLY B 200 3.72 -11.43 20.39
C GLY B 200 4.20 -11.68 21.80
N LEU B 201 3.97 -12.88 22.32
CA LEU B 201 4.38 -13.26 23.66
C LEU B 201 5.74 -13.96 23.58
N TYR B 202 6.18 -14.55 24.69
CA TYR B 202 7.50 -15.14 24.80
C TYR B 202 7.40 -16.59 25.27
N SER B 203 8.43 -17.36 24.90
CA SER B 203 8.57 -18.74 25.34
C SER B 203 9.98 -18.96 25.87
N LEU B 204 10.10 -19.92 26.79
CA LEU B 204 11.38 -20.19 27.44
C LEU B 204 11.34 -21.61 27.99
N SER B 205 12.53 -22.18 28.19
CA SER B 205 12.64 -23.55 28.67
C SER B 205 13.70 -23.61 29.76
N SER B 206 13.58 -24.62 30.62
CA SER B 206 14.56 -24.87 31.68
C SER B 206 14.76 -26.37 31.80
N VAL B 207 16.00 -26.82 31.67
CA VAL B 207 16.31 -28.25 31.55
C VAL B 207 17.45 -28.62 32.50
N VAL B 208 17.29 -29.77 33.16
CA VAL B 208 18.32 -30.30 34.07
C VAL B 208 18.56 -31.76 33.73
N THR B 209 19.83 -32.13 33.60
CA THR B 209 20.22 -33.51 33.36
C THR B 209 20.69 -34.13 34.67
N VAL B 210 20.11 -35.28 35.02
CA VAL B 210 20.35 -35.88 36.33
C VAL B 210 20.47 -37.40 36.19
N PRO B 211 21.10 -38.05 37.17
CA PRO B 211 21.28 -39.51 37.08
C PRO B 211 19.96 -40.24 36.96
N SER B 212 19.98 -41.34 36.20
CA SER B 212 18.76 -42.10 35.95
C SER B 212 18.24 -42.76 37.22
N SER B 213 19.13 -43.20 38.10
CA SER B 213 18.74 -43.91 39.31
C SER B 213 18.23 -42.99 40.41
N SER B 214 17.91 -41.73 40.08
CA SER B 214 17.38 -40.76 41.03
C SER B 214 16.07 -40.16 40.52
N LEU B 215 15.26 -40.97 39.81
CA LEU B 215 14.02 -40.50 39.23
C LEU B 215 12.79 -40.83 40.06
N GLY B 216 12.88 -41.82 40.94
CA GLY B 216 11.76 -42.19 41.78
C GLY B 216 12.07 -42.07 43.26
N THR B 217 13.18 -41.40 43.57
CA THR B 217 13.61 -41.23 44.95
C THR B 217 13.78 -39.76 45.35
N GLN B 218 13.76 -38.84 44.40
CA GLN B 218 13.88 -37.42 44.67
C GLN B 218 12.71 -36.69 44.04
N THR B 219 12.38 -35.53 44.62
CA THR B 219 11.29 -34.70 44.15
C THR B 219 11.87 -33.50 43.41
N TYR B 220 11.46 -33.34 42.15
CA TYR B 220 11.95 -32.26 41.29
C TYR B 220 10.81 -31.28 41.06
N ILE B 221 11.07 -30.00 41.31
CA ILE B 221 10.06 -28.96 41.20
C ILE B 221 10.66 -27.75 40.51
N CYS B 222 10.01 -27.28 39.45
CA CYS B 222 10.31 -25.97 38.89
C CYS B 222 9.58 -24.89 39.66
N ASN B 223 10.29 -23.81 39.96
CA ASN B 223 9.74 -22.64 40.64
C ASN B 223 9.91 -21.47 39.67
N VAL B 224 8.79 -20.98 39.12
CA VAL B 224 8.79 -19.90 38.15
C VAL B 224 8.22 -18.66 38.83
N ASN B 225 8.98 -17.57 38.80
CA ASN B 225 8.61 -16.31 39.43
C ASN B 225 8.64 -15.22 38.37
N HIS B 226 7.51 -14.52 38.22
CA HIS B 226 7.37 -13.43 37.26
C HIS B 226 6.76 -12.25 38.02
N LYS B 227 7.61 -11.31 38.43
CA LYS B 227 7.16 -10.19 39.24
C LYS B 227 6.19 -9.29 38.50
N PRO B 228 6.42 -8.88 37.24
CA PRO B 228 5.53 -7.91 36.59
C PRO B 228 4.05 -8.22 36.73
N SER B 229 3.71 -9.48 37.00
CA SER B 229 2.32 -9.87 37.28
C SER B 229 2.18 -10.61 38.60
N ASN B 230 3.20 -10.62 39.44
CA ASN B 230 3.16 -11.28 40.74
C ASN B 230 2.68 -12.72 40.61
N THR B 231 3.41 -13.49 39.82
CA THR B 231 3.06 -14.89 39.55
C THR B 231 4.18 -15.78 40.09
N LYS B 232 3.89 -16.53 41.14
CA LYS B 232 4.80 -17.53 41.68
C LYS B 232 4.13 -18.89 41.53
N VAL B 233 4.66 -19.73 40.65
CA VAL B 233 4.05 -21.02 40.34
C VAL B 233 5.09 -22.12 40.49
N ASP B 234 4.74 -23.17 41.22
CA ASP B 234 5.57 -24.35 41.37
C ASP B 234 4.94 -25.50 40.58
N LYS B 235 5.80 -26.38 40.05
CA LYS B 235 5.30 -27.53 39.30
C LYS B 235 6.25 -28.70 39.47
N ARG B 236 5.74 -29.82 39.99
CA ARG B 236 6.51 -31.05 40.06
C ARG B 236 6.63 -31.67 38.67
N VAL B 237 7.77 -32.31 38.43
CA VAL B 237 8.04 -33.01 37.18
C VAL B 237 8.40 -34.46 37.52
N GLU B 238 7.65 -35.39 36.96
CA GLU B 238 7.81 -36.82 37.24
C GLU B 238 7.59 -37.59 35.95
N PRO B 239 8.29 -38.71 35.75
CA PRO B 239 7.99 -39.55 34.59
C PRO B 239 6.55 -40.03 34.61
N LYS B 240 5.94 -40.08 33.43
CA LYS B 240 4.52 -40.38 33.34
C LYS B 240 4.25 -41.83 33.72
N SER B 241 3.00 -42.09 34.10
CA SER B 241 2.61 -43.44 34.49
C SER B 241 2.62 -44.36 33.27
N CYS B 242 3.31 -45.49 33.40
CA CYS B 242 3.39 -46.48 32.35
C CYS B 242 3.35 -47.87 32.96
N ASP B 243 2.67 -48.79 32.30
CA ASP B 243 2.51 -50.14 32.80
C ASP B 243 3.55 -51.08 32.16
N SER C 22 -24.50 -9.34 5.93
CA SER C 22 -23.19 -8.71 5.63
C SER C 22 -22.89 -8.74 4.14
N TYR C 23 -22.26 -7.68 3.63
CA TYR C 23 -21.85 -7.60 2.24
C TYR C 23 -20.33 -7.77 2.17
N VAL C 24 -19.88 -8.69 1.32
CA VAL C 24 -18.46 -8.99 1.17
C VAL C 24 -18.14 -9.13 -0.31
N LEU C 25 -17.00 -8.58 -0.71
CA LEU C 25 -16.51 -8.69 -2.08
C LEU C 25 -15.29 -9.60 -2.10
N THR C 26 -15.17 -10.39 -3.16
CA THR C 26 -14.11 -11.38 -3.29
C THR C 26 -13.31 -11.13 -4.56
N GLN C 27 -12.00 -11.27 -4.45
CA GLN C 27 -11.07 -11.18 -5.57
C GLN C 27 -10.09 -12.33 -5.50
N PRO C 28 -9.50 -12.73 -6.63
CA PRO C 28 -8.45 -13.73 -6.58
C PRO C 28 -7.27 -13.22 -5.79
N PRO C 29 -6.54 -14.11 -5.10
CA PRO C 29 -5.46 -13.63 -4.23
C PRO C 29 -4.30 -13.04 -4.99
N SER C 30 -3.87 -13.68 -6.09
CA SER C 30 -2.69 -13.21 -6.82
C SER C 30 -2.87 -13.53 -8.30
N VAL C 31 -2.20 -12.75 -9.14
CA VAL C 31 -2.18 -12.96 -10.58
C VAL C 31 -0.77 -12.71 -11.08
N SER C 32 -0.29 -13.59 -11.95
CA SER C 32 1.05 -13.51 -12.52
C SER C 32 0.95 -13.44 -14.04
N VAL C 33 1.67 -12.50 -14.64
CA VAL C 33 1.67 -12.31 -16.09
C VAL C 33 3.07 -11.96 -16.54
N ALA C 34 3.33 -12.14 -17.84
CA ALA C 34 4.60 -11.79 -18.44
C ALA C 34 4.52 -10.41 -19.09
N PRO C 35 5.65 -9.70 -19.21
CA PRO C 35 5.59 -8.35 -19.80
C PRO C 35 5.01 -8.38 -21.20
N GLY C 36 4.21 -7.35 -21.51
CA GLY C 36 3.59 -7.23 -22.81
C GLY C 36 2.26 -7.95 -22.95
N GLN C 37 1.84 -8.70 -21.95
CA GLN C 37 0.59 -9.44 -22.00
C GLN C 37 -0.53 -8.62 -21.35
N THR C 38 -1.75 -9.15 -21.40
CA THR C 38 -2.92 -8.51 -20.83
C THR C 38 -3.34 -9.24 -19.57
N ALA C 39 -3.58 -8.48 -18.50
CA ALA C 39 -3.96 -9.02 -17.21
C ALA C 39 -5.36 -8.57 -16.85
N SER C 40 -6.14 -9.47 -16.25
CA SER C 40 -7.51 -9.20 -15.85
C SER C 40 -7.68 -9.52 -14.37
N ILE C 41 -8.28 -8.58 -13.64
CA ILE C 41 -8.55 -8.75 -12.21
C ILE C 41 -10.05 -8.61 -12.01
N THR C 42 -10.64 -9.54 -11.25
CA THR C 42 -12.08 -9.63 -11.10
C THR C 42 -12.48 -9.34 -9.65
N CYS C 43 -13.44 -8.43 -9.49
CA CYS C 43 -14.06 -8.14 -8.20
C CYS C 43 -15.52 -8.59 -8.30
N SER C 44 -15.91 -9.54 -7.45
CA SER C 44 -17.19 -10.22 -7.58
C SER C 44 -18.08 -9.94 -6.38
N GLY C 45 -19.38 -10.02 -6.60
CA GLY C 45 -20.34 -9.80 -5.54
C GLY C 45 -21.73 -10.17 -6.00
N ASP C 46 -22.70 -9.90 -5.12
CA ASP C 46 -24.10 -10.20 -5.40
C ASP C 46 -24.76 -8.99 -6.06
N LYS C 47 -25.15 -9.15 -7.33
CA LYS C 47 -25.77 -8.08 -8.10
C LYS C 47 -24.86 -6.85 -8.17
N LEU C 48 -23.54 -7.09 -8.16
CA LEU C 48 -22.59 -6.00 -8.18
C LEU C 48 -22.80 -5.10 -9.39
N GLY C 49 -23.39 -5.64 -10.46
CA GLY C 49 -23.62 -4.84 -11.66
C GLY C 49 -24.49 -3.63 -11.43
N ASP C 50 -25.23 -3.58 -10.32
CA ASP C 50 -26.06 -2.43 -10.00
C ASP C 50 -25.34 -1.38 -9.17
N LYS C 51 -24.02 -1.46 -9.07
CA LYS C 51 -23.25 -0.57 -8.22
C LYS C 51 -22.22 0.20 -9.03
N TYR C 52 -21.70 1.27 -8.43
CA TYR C 52 -20.62 2.07 -9.03
C TYR C 52 -19.32 1.68 -8.32
N VAL C 53 -18.55 0.82 -8.95
CA VAL C 53 -17.33 0.27 -8.36
C VAL C 53 -16.17 1.22 -8.64
N SER C 54 -15.16 1.16 -7.77
CA SER C 54 -13.95 1.94 -7.93
C SER C 54 -12.74 1.06 -7.70
N TRP C 55 -11.60 1.44 -8.29
CA TRP C 55 -10.38 0.67 -8.21
C TRP C 55 -9.24 1.52 -7.68
N TYR C 56 -8.51 0.99 -6.70
CA TYR C 56 -7.32 1.63 -6.16
C TYR C 56 -6.10 0.77 -6.40
N GLN C 57 -5.00 1.42 -6.76
CA GLN C 57 -3.70 0.79 -6.90
C GLN C 57 -2.80 1.27 -5.77
N GLN C 58 -2.12 0.33 -5.11
CA GLN C 58 -1.28 0.64 -3.96
C GLN C 58 0.07 -0.04 -4.16
N ARG C 59 1.14 0.74 -4.13
CA ARG C 59 2.48 0.22 -4.12
C ARG C 59 2.94 -0.02 -2.69
N PRO C 60 3.92 -0.90 -2.47
CA PRO C 60 4.36 -1.18 -1.11
C PRO C 60 4.81 0.08 -0.39
N GLY C 61 4.12 0.40 0.71
CA GLY C 61 4.49 1.54 1.52
C GLY C 61 4.05 2.89 1.00
N GLN C 62 3.12 2.93 0.04
CA GLN C 62 2.64 4.17 -0.53
C GLN C 62 1.13 4.23 -0.42
N SER C 63 0.62 5.45 -0.28
CA SER C 63 -0.82 5.64 -0.17
C SER C 63 -1.51 5.22 -1.47
N PRO C 64 -2.60 4.47 -1.41
CA PRO C 64 -3.27 4.05 -2.65
C PRO C 64 -3.75 5.25 -3.46
N VAL C 65 -3.77 5.07 -4.78
CA VAL C 65 -4.23 6.09 -5.70
C VAL C 65 -5.36 5.52 -6.55
N LEU C 66 -6.31 6.40 -6.88
CA LEU C 66 -7.41 6.02 -7.75
C LEU C 66 -6.90 5.65 -9.13
N VAL C 67 -7.45 4.57 -9.69
CA VAL C 67 -7.12 4.17 -11.05
C VAL C 67 -8.35 4.03 -11.94
N LEU C 68 -9.53 3.86 -11.36
CA LEU C 68 -10.77 3.80 -12.14
C LEU C 68 -11.93 4.10 -11.22
N TYR C 69 -12.83 4.98 -11.65
CA TYR C 69 -14.03 5.31 -10.91
C TYR C 69 -15.23 5.25 -11.84
N GLN C 70 -16.35 4.75 -11.32
CA GLN C 70 -17.56 4.58 -12.11
C GLN C 70 -17.31 3.65 -13.30
N ASP C 71 -16.70 2.50 -13.02
CA ASP C 71 -16.48 1.45 -13.99
C ASP C 71 -15.41 1.81 -15.01
N SER C 72 -15.76 2.65 -15.99
CA SER C 72 -14.90 2.89 -17.15
C SER C 72 -14.36 4.30 -17.24
N LYS C 73 -14.71 5.19 -16.32
CA LYS C 73 -14.22 6.57 -16.35
C LYS C 73 -12.87 6.63 -15.64
N ARG C 74 -11.84 7.02 -16.38
CA ARG C 74 -10.49 7.11 -15.85
C ARG C 74 -10.09 8.57 -15.65
N PRO C 75 -9.37 8.90 -14.58
CA PRO C 75 -8.98 10.28 -14.34
C PRO C 75 -7.80 10.68 -15.22
N SER C 76 -7.34 11.92 -15.03
CA SER C 76 -6.20 12.43 -15.76
C SER C 76 -4.90 11.99 -15.10
N GLY C 77 -3.90 11.67 -15.92
CA GLY C 77 -2.62 11.22 -15.44
C GLY C 77 -2.41 9.72 -15.46
N ILE C 78 -3.45 8.95 -15.75
CA ILE C 78 -3.37 7.49 -15.84
C ILE C 78 -3.18 7.12 -17.30
N PRO C 79 -2.21 6.26 -17.63
CA PRO C 79 -2.01 5.91 -19.04
C PRO C 79 -3.21 5.18 -19.62
N GLU C 80 -3.32 5.23 -20.94
CA GLU C 80 -4.47 4.63 -21.63
C GLU C 80 -4.49 3.11 -21.52
N ARG C 81 -3.42 2.50 -21.02
CA ARG C 81 -3.38 1.05 -20.89
C ARG C 81 -4.48 0.55 -19.97
N PHE C 82 -4.72 1.25 -18.87
CA PHE C 82 -5.76 0.85 -17.93
C PHE C 82 -7.13 0.89 -18.60
N SER C 83 -7.98 -0.08 -18.26
CA SER C 83 -9.36 -0.09 -18.71
C SER C 83 -10.19 -0.88 -17.72
N GLY C 84 -11.50 -0.70 -17.77
CA GLY C 84 -12.39 -1.37 -16.84
C GLY C 84 -13.77 -1.60 -17.40
N SER C 85 -14.48 -2.51 -16.76
CA SER C 85 -15.86 -2.80 -17.11
C SER C 85 -16.54 -3.44 -15.90
N ASN C 86 -17.86 -3.47 -15.94
CA ASN C 86 -18.64 -4.03 -14.83
C ASN C 86 -19.98 -4.51 -15.38
N SER C 87 -20.31 -5.77 -15.11
CA SER C 87 -21.57 -6.32 -15.58
C SER C 87 -21.91 -7.57 -14.79
N GLY C 88 -23.19 -7.93 -14.82
CA GLY C 88 -23.65 -9.14 -14.15
C GLY C 88 -23.30 -9.15 -12.68
N ASN C 89 -22.35 -10.00 -12.30
CA ASN C 89 -21.90 -10.12 -10.92
C ASN C 89 -20.39 -9.93 -10.81
N THR C 90 -19.77 -9.24 -11.78
CA THR C 90 -18.32 -9.13 -11.80
C THR C 90 -17.90 -7.80 -12.41
N ALA C 91 -16.86 -7.21 -11.83
CA ALA C 91 -16.20 -6.03 -12.36
C ALA C 91 -14.77 -6.41 -12.74
N THR C 92 -14.37 -6.12 -13.97
CA THR C 92 -13.08 -6.52 -14.50
C THR C 92 -12.21 -5.29 -14.72
N LEU C 93 -11.01 -5.31 -14.15
CA LEU C 93 -9.97 -4.34 -14.44
C LEU C 93 -8.98 -4.98 -15.40
N THR C 94 -8.76 -4.35 -16.54
CA THR C 94 -7.94 -4.89 -17.61
C THR C 94 -6.73 -4.01 -17.83
N ILE C 95 -5.55 -4.63 -17.91
CA ILE C 95 -4.30 -3.94 -18.18
C ILE C 95 -3.69 -4.55 -19.44
N SER C 96 -3.25 -3.70 -20.35
CA SER C 96 -2.59 -4.12 -21.57
C SER C 96 -1.16 -3.59 -21.59
N GLY C 97 -0.25 -4.37 -22.17
CA GLY C 97 1.14 -3.98 -22.20
C GLY C 97 1.74 -3.88 -20.81
N THR C 98 1.49 -4.89 -19.97
CA THR C 98 1.97 -4.87 -18.61
C THR C 98 3.49 -4.74 -18.58
N GLN C 99 4.00 -3.94 -17.64
CA GLN C 99 5.42 -3.72 -17.50
C GLN C 99 5.77 -3.66 -16.01
N ALA C 100 7.08 -3.55 -15.73
CA ALA C 100 7.57 -3.74 -14.38
C ALA C 100 7.02 -2.71 -13.39
N MET C 101 6.46 -1.61 -13.88
CA MET C 101 5.92 -0.57 -13.01
C MET C 101 4.43 -0.77 -12.74
N ASP C 102 3.89 -1.95 -13.01
CA ASP C 102 2.48 -2.25 -12.76
C ASP C 102 2.29 -3.38 -11.75
N GLU C 103 3.32 -3.70 -10.97
CA GLU C 103 3.22 -4.72 -9.94
C GLU C 103 2.82 -4.06 -8.62
N ALA C 104 1.66 -4.44 -8.09
CA ALA C 104 1.12 -3.74 -6.92
C ALA C 104 -0.15 -4.41 -6.40
N ASP C 105 -0.71 -3.89 -5.32
CA ASP C 105 -1.97 -4.39 -4.79
C ASP C 105 -3.13 -3.59 -5.37
N TYR C 106 -4.19 -4.28 -5.76
CA TYR C 106 -5.36 -3.66 -6.35
C TYR C 106 -6.57 -3.96 -5.49
N TYR C 107 -7.36 -2.91 -5.20
CA TYR C 107 -8.51 -3.03 -4.32
C TYR C 107 -9.76 -2.50 -5.02
N CYS C 108 -10.89 -3.17 -4.74
CA CYS C 108 -12.19 -2.87 -5.34
C CYS C 108 -13.11 -2.30 -4.27
N GLN C 109 -13.73 -1.17 -4.57
CA GLN C 109 -14.57 -0.43 -3.63
C GLN C 109 -16.00 -0.36 -4.13
N ALA C 110 -16.95 -0.54 -3.21
CA ALA C 110 -18.37 -0.43 -3.53
C ALA C 110 -19.13 0.07 -2.30
N TRP C 111 -20.37 0.50 -2.53
CA TRP C 111 -21.26 0.98 -1.49
C TRP C 111 -22.45 0.05 -1.34
N ASP C 112 -22.85 -0.20 -0.10
CA ASP C 112 -24.06 -0.97 0.17
C ASP C 112 -24.60 -0.66 1.55
N SER C 113 -25.93 -0.58 1.64
CA SER C 113 -26.64 -0.47 2.91
C SER C 113 -26.03 0.60 3.80
N SER C 114 -25.71 1.74 3.21
CA SER C 114 -25.12 2.86 3.94
C SER C 114 -23.80 2.45 4.60
N ALA C 115 -23.02 1.65 3.88
CA ALA C 115 -21.73 1.18 4.39
C ALA C 115 -20.79 0.95 3.23
N LEU C 116 -19.51 1.22 3.46
CA LEU C 116 -18.48 1.05 2.45
C LEU C 116 -17.92 -0.37 2.52
N VAL C 117 -17.57 -0.93 1.36
CA VAL C 117 -17.02 -2.27 1.27
C VAL C 117 -15.80 -2.24 0.37
N PHE C 118 -14.67 -2.68 0.88
CA PHE C 118 -13.45 -2.85 0.10
C PHE C 118 -13.23 -4.33 -0.17
N GLY C 119 -13.00 -4.68 -1.43
CA GLY C 119 -12.72 -6.05 -1.77
C GLY C 119 -11.33 -6.47 -1.35
N GLY C 120 -11.15 -7.78 -1.21
CA GLY C 120 -9.85 -8.33 -0.85
C GLY C 120 -8.81 -7.94 -1.87
N GLY C 121 -7.67 -7.43 -1.40
CA GLY C 121 -6.65 -6.96 -2.32
C GLY C 121 -6.08 -8.09 -3.15
N THR C 122 -5.73 -7.76 -4.40
CA THR C 122 -5.11 -8.70 -5.32
C THR C 122 -3.72 -8.20 -5.66
N LYS C 123 -2.71 -9.04 -5.45
CA LYS C 123 -1.33 -8.68 -5.72
C LYS C 123 -0.98 -9.08 -7.15
N LEU C 124 -0.64 -8.09 -7.98
CA LEU C 124 -0.20 -8.32 -9.35
C LEU C 124 1.32 -8.25 -9.38
N THR C 125 1.95 -9.33 -9.87
CA THR C 125 3.39 -9.42 -9.99
C THR C 125 3.73 -9.88 -11.40
N VAL C 126 4.80 -9.32 -11.96
CA VAL C 126 5.21 -9.59 -13.33
C VAL C 126 6.46 -10.49 -13.28
N LEU C 127 6.42 -11.58 -14.03
CA LEU C 127 7.55 -12.51 -14.08
C LEU C 127 8.64 -11.94 -14.98
N ARG C 128 9.82 -11.72 -14.42
CA ARG C 128 10.94 -11.22 -15.20
C ARG C 128 11.65 -12.37 -15.90
N THR C 129 12.33 -12.04 -17.00
CA THR C 129 13.05 -13.02 -17.79
C THR C 129 14.55 -12.94 -17.51
N VAL C 130 15.25 -14.01 -17.88
CA VAL C 130 16.68 -14.13 -17.62
C VAL C 130 17.43 -13.56 -18.82
N ALA C 131 18.42 -12.71 -18.54
CA ALA C 131 19.24 -12.08 -19.57
C ALA C 131 20.69 -12.48 -19.36
N ALA C 132 21.32 -13.00 -20.40
CA ALA C 132 22.71 -13.41 -20.29
C ALA C 132 23.60 -12.17 -20.15
N PRO C 133 24.59 -12.20 -19.25
CA PRO C 133 25.45 -11.03 -19.10
C PRO C 133 26.32 -10.81 -20.32
N SER C 134 26.70 -9.55 -20.54
CA SER C 134 27.74 -9.20 -21.49
C SER C 134 29.00 -8.88 -20.69
N VAL C 135 30.08 -9.59 -20.99
CA VAL C 135 31.28 -9.62 -20.14
C VAL C 135 32.46 -9.09 -20.94
N PHE C 136 33.23 -8.20 -20.33
CA PHE C 136 34.43 -7.65 -20.93
C PHE C 136 35.54 -7.61 -19.88
N ILE C 137 36.78 -7.66 -20.36
CA ILE C 137 37.96 -7.58 -19.49
C ILE C 137 38.90 -6.53 -20.08
N PHE C 138 39.15 -5.48 -19.30
CA PHE C 138 40.09 -4.44 -19.70
C PHE C 138 41.40 -4.62 -18.95
N PRO C 139 42.53 -4.76 -19.64
CA PRO C 139 43.82 -4.92 -18.95
C PRO C 139 44.27 -3.60 -18.34
N PRO C 140 45.42 -3.59 -17.66
CA PRO C 140 45.90 -2.34 -17.06
C PRO C 140 46.48 -1.40 -18.12
N SER C 141 46.47 -0.12 -17.79
CA SER C 141 47.03 0.89 -18.68
C SER C 141 48.53 1.03 -18.44
N ASP C 142 49.24 1.43 -19.48
CA ASP C 142 50.68 1.64 -19.36
C ASP C 142 50.99 2.78 -18.39
N GLU C 143 50.19 3.85 -18.42
CA GLU C 143 50.45 4.98 -17.54
C GLU C 143 50.33 4.59 -16.08
N GLN C 144 49.29 3.83 -15.73
CA GLN C 144 49.17 3.33 -14.37
C GLN C 144 50.30 2.38 -14.04
N LEU C 145 50.65 1.50 -14.99
CA LEU C 145 51.74 0.55 -14.76
C LEU C 145 53.04 1.26 -14.45
N LYS C 146 53.25 2.45 -15.02
CA LYS C 146 54.45 3.22 -14.71
C LYS C 146 54.49 3.65 -13.25
N SER C 147 53.34 3.71 -12.58
CA SER C 147 53.26 4.18 -11.20
C SER C 147 53.42 3.03 -10.20
N GLY C 148 53.66 1.81 -10.65
CA GLY C 148 53.92 0.70 -9.76
C GLY C 148 52.71 -0.12 -9.36
N THR C 149 51.50 0.31 -9.71
CA THR C 149 50.28 -0.41 -9.38
C THR C 149 49.55 -0.78 -10.67
N ALA C 150 49.06 -2.02 -10.73
CA ALA C 150 48.36 -2.53 -11.90
C ALA C 150 46.94 -2.89 -11.53
N SER C 151 46.00 -2.58 -12.42
CA SER C 151 44.59 -2.86 -12.22
C SER C 151 44.02 -3.53 -13.46
N VAL C 152 43.34 -4.67 -13.26
CA VAL C 152 42.68 -5.40 -14.33
C VAL C 152 41.20 -5.44 -13.97
N VAL C 153 40.34 -4.97 -14.86
CA VAL C 153 38.94 -4.77 -14.52
C VAL C 153 38.05 -5.65 -15.39
N CYS C 154 37.02 -6.21 -14.77
CA CYS C 154 36.05 -7.07 -15.44
C CYS C 154 34.67 -6.42 -15.30
N LEU C 155 33.94 -6.36 -16.41
CA LEU C 155 32.63 -5.73 -16.46
C LEU C 155 31.59 -6.73 -16.93
N LEU C 156 30.53 -6.90 -16.14
CA LEU C 156 29.37 -7.70 -16.50
C LEU C 156 28.17 -6.77 -16.51
N ASN C 157 27.63 -6.48 -17.69
CA ASN C 157 26.51 -5.56 -17.81
C ASN C 157 25.33 -6.21 -18.52
N ASN C 158 24.14 -5.71 -18.20
CA ASN C 158 22.88 -6.17 -18.78
C ASN C 158 22.65 -7.66 -18.50
N PHE C 159 22.50 -7.97 -17.21
CA PHE C 159 22.23 -9.34 -16.80
C PHE C 159 21.16 -9.35 -15.71
N TYR C 160 20.52 -10.51 -15.57
CA TYR C 160 19.47 -10.77 -14.61
C TYR C 160 19.31 -12.28 -14.51
N PRO C 161 19.06 -12.85 -13.32
CA PRO C 161 18.88 -12.22 -12.00
C PRO C 161 20.15 -11.64 -11.41
N ARG C 162 20.11 -11.31 -10.12
CA ARG C 162 21.24 -10.64 -9.48
C ARG C 162 22.40 -11.60 -9.27
N GLU C 163 22.13 -12.82 -8.79
CA GLU C 163 23.17 -13.69 -8.29
C GLU C 163 24.04 -14.17 -9.45
N ALA C 164 25.21 -13.55 -9.60
CA ALA C 164 26.22 -13.98 -10.55
C ALA C 164 27.57 -13.95 -9.85
N LYS C 165 28.45 -14.89 -10.20
CA LYS C 165 29.73 -15.04 -9.52
C LYS C 165 30.87 -14.85 -10.51
N VAL C 166 31.89 -14.12 -10.05
CA VAL C 166 33.06 -13.78 -10.85
C VAL C 166 34.29 -14.37 -10.16
N GLN C 167 35.11 -15.08 -10.92
CA GLN C 167 36.32 -15.70 -10.41
C GLN C 167 37.49 -15.29 -11.29
N TRP C 168 38.56 -14.80 -10.67
CA TRP C 168 39.74 -14.38 -11.40
C TRP C 168 40.74 -15.53 -11.49
N LYS C 169 41.52 -15.53 -12.57
CA LYS C 169 42.54 -16.55 -12.76
C LYS C 169 43.81 -15.90 -13.30
N VAL C 170 44.94 -16.19 -12.66
CA VAL C 170 46.25 -15.72 -13.07
C VAL C 170 47.10 -16.96 -13.31
N ASP C 171 47.31 -17.30 -14.58
CA ASP C 171 48.03 -18.51 -14.98
C ASP C 171 47.56 -19.72 -14.16
N ASN C 172 46.27 -20.00 -14.28
CA ASN C 172 45.65 -21.15 -13.63
C ASN C 172 45.78 -21.09 -12.11
N ALA C 173 45.91 -19.88 -11.57
CA ALA C 173 45.92 -19.66 -10.13
C ALA C 173 44.67 -18.89 -9.74
N LEU C 174 43.91 -19.43 -8.80
CA LEU C 174 42.70 -18.76 -8.33
C LEU C 174 43.06 -17.57 -7.45
N GLN C 175 42.16 -16.59 -7.42
CA GLN C 175 42.36 -15.35 -6.68
C GLN C 175 41.35 -15.27 -5.55
N SER C 176 41.85 -15.04 -4.33
CA SER C 176 41.02 -14.84 -3.16
C SER C 176 41.41 -13.51 -2.51
N GLY C 177 40.42 -12.68 -2.22
CA GLY C 177 40.73 -11.36 -1.69
C GLY C 177 41.35 -10.48 -2.75
N ASN C 178 41.98 -9.40 -2.29
CA ASN C 178 42.62 -8.42 -3.16
C ASN C 178 41.79 -8.14 -4.40
N SER C 179 40.47 -8.02 -4.23
CA SER C 179 39.57 -7.74 -5.32
C SER C 179 38.40 -6.94 -4.78
N GLN C 180 37.92 -5.99 -5.58
CA GLN C 180 36.79 -5.15 -5.20
C GLN C 180 35.63 -5.38 -6.16
N GLU C 181 34.42 -5.40 -5.60
CA GLU C 181 33.21 -5.70 -6.35
C GLU C 181 32.21 -4.57 -6.15
N SER C 182 31.62 -4.10 -7.26
CA SER C 182 30.63 -3.03 -7.21
C SER C 182 29.44 -3.40 -8.10
N VAL C 183 28.25 -3.07 -7.63
CA VAL C 183 27.01 -3.37 -8.34
C VAL C 183 26.13 -2.13 -8.32
N THR C 184 25.51 -1.81 -9.45
CA THR C 184 24.64 -0.66 -9.55
C THR C 184 23.19 -1.04 -9.23
N GLU C 185 22.33 -0.03 -9.20
CA GLU C 185 20.92 -0.24 -8.93
C GLU C 185 20.22 -0.82 -10.16
N GLN C 186 19.08 -1.46 -9.90
CA GLN C 186 18.31 -2.08 -10.98
C GLN C 186 17.73 -1.01 -11.91
N ASP C 187 17.66 -1.34 -13.19
CA ASP C 187 17.04 -0.48 -14.18
C ASP C 187 15.55 -0.77 -14.26
N SER C 188 14.74 0.29 -14.25
CA SER C 188 13.29 0.12 -14.22
C SER C 188 12.78 -0.48 -15.52
N LYS C 189 13.25 0.03 -16.66
CA LYS C 189 12.68 -0.39 -17.94
C LYS C 189 13.04 -1.83 -18.27
N ASP C 190 14.31 -2.21 -18.10
CA ASP C 190 14.78 -3.52 -18.53
C ASP C 190 14.93 -4.53 -17.40
N SER C 191 15.02 -4.07 -16.15
CA SER C 191 15.19 -4.95 -15.00
C SER C 191 16.50 -5.75 -15.13
N THR C 192 17.61 -5.02 -15.21
CA THR C 192 18.93 -5.60 -15.35
C THR C 192 19.90 -4.89 -14.43
N TYR C 193 20.98 -5.57 -14.09
CA TYR C 193 22.01 -5.04 -13.21
C TYR C 193 23.33 -4.89 -13.97
N SER C 194 24.30 -4.28 -13.31
CA SER C 194 25.66 -4.17 -13.83
C SER C 194 26.63 -4.48 -12.70
N LEU C 195 27.83 -4.93 -13.07
CA LEU C 195 28.77 -5.44 -12.08
C LEU C 195 30.18 -5.15 -12.54
N SER C 196 30.96 -4.48 -11.69
CA SER C 196 32.37 -4.20 -11.95
C SER C 196 33.20 -4.95 -10.91
N SER C 197 34.12 -5.79 -11.39
CA SER C 197 35.02 -6.56 -10.53
C SER C 197 36.45 -6.16 -10.89
N THR C 198 37.15 -5.52 -9.97
CA THR C 198 38.49 -5.00 -10.23
C THR C 198 39.50 -5.71 -9.35
N LEU C 199 40.63 -6.09 -9.94
CA LEU C 199 41.74 -6.73 -9.25
C LEU C 199 42.92 -5.78 -9.23
N THR C 200 43.53 -5.63 -8.05
CA THR C 200 44.67 -4.75 -7.87
C THR C 200 45.89 -5.57 -7.49
N LEU C 201 47.03 -5.25 -8.11
CA LEU C 201 48.26 -5.98 -7.89
C LEU C 201 49.44 -5.02 -7.87
N SER C 202 50.51 -5.45 -7.22
CA SER C 202 51.76 -4.70 -7.27
C SER C 202 52.43 -4.91 -8.63
N LYS C 203 53.29 -3.95 -8.99
CA LYS C 203 53.93 -3.99 -10.30
C LYS C 203 54.71 -5.29 -10.49
N ALA C 204 55.58 -5.62 -9.53
CA ALA C 204 56.40 -6.83 -9.67
C ALA C 204 55.53 -8.07 -9.79
N ASP C 205 54.49 -8.17 -8.94
CA ASP C 205 53.58 -9.32 -9.03
C ASP C 205 52.91 -9.35 -10.39
N TYR C 206 52.45 -8.20 -10.89
CA TYR C 206 51.78 -8.17 -12.19
C TYR C 206 52.70 -8.69 -13.29
N GLU C 207 53.94 -8.22 -13.30
CA GLU C 207 54.88 -8.68 -14.32
C GLU C 207 55.48 -10.05 -14.00
N LYS C 208 55.10 -10.66 -12.89
CA LYS C 208 55.52 -12.03 -12.57
C LYS C 208 54.58 -13.09 -13.11
N HIS C 209 53.64 -12.72 -13.98
CA HIS C 209 52.70 -13.68 -14.54
C HIS C 209 52.40 -13.29 -15.99
N LYS C 210 51.84 -14.25 -16.74
CA LYS C 210 51.70 -14.12 -18.19
C LYS C 210 50.24 -13.99 -18.63
N VAL C 211 49.40 -14.96 -18.29
CA VAL C 211 48.04 -15.04 -18.81
C VAL C 211 47.06 -14.59 -17.74
N TYR C 212 46.10 -13.76 -18.13
CA TYR C 212 45.09 -13.24 -17.22
C TYR C 212 43.72 -13.67 -17.72
N ALA C 213 42.80 -13.95 -16.79
CA ALA C 213 41.48 -14.39 -17.20
C ALA C 213 40.42 -14.02 -16.17
N CYS C 214 39.28 -13.56 -16.67
CA CYS C 214 38.05 -13.42 -15.91
C CYS C 214 37.16 -14.61 -16.22
N GLU C 215 36.41 -15.08 -15.22
CA GLU C 215 35.52 -16.21 -15.39
C GLU C 215 34.18 -15.86 -14.76
N VAL C 216 33.10 -16.09 -15.49
CA VAL C 216 31.75 -15.73 -15.06
C VAL C 216 30.92 -17.00 -15.00
N THR C 217 30.23 -17.19 -13.87
CA THR C 217 29.22 -18.24 -13.74
C THR C 217 27.92 -17.57 -13.30
N HIS C 218 26.83 -17.88 -13.99
CA HIS C 218 25.57 -17.18 -13.79
C HIS C 218 24.47 -17.92 -14.55
N GLN C 219 23.24 -17.78 -14.07
CA GLN C 219 22.08 -18.33 -14.77
C GLN C 219 22.05 -17.80 -16.20
N GLY C 220 21.41 -18.55 -17.10
CA GLY C 220 21.32 -18.14 -18.49
C GLY C 220 22.52 -18.50 -19.33
N LEU C 221 23.55 -19.10 -18.74
CA LEU C 221 24.73 -19.55 -19.47
C LEU C 221 24.86 -21.06 -19.29
N SER C 222 24.98 -21.78 -20.42
CA SER C 222 25.08 -23.23 -20.34
C SER C 222 26.33 -23.64 -19.57
N SER C 223 27.45 -22.98 -19.82
CA SER C 223 28.70 -23.22 -19.11
C SER C 223 29.32 -21.89 -18.72
N PRO C 224 30.12 -21.87 -17.65
CA PRO C 224 30.81 -20.62 -17.30
C PRO C 224 31.66 -20.12 -18.45
N VAL C 225 31.68 -18.80 -18.62
CA VAL C 225 32.34 -18.16 -19.76
C VAL C 225 33.61 -17.48 -19.27
N THR C 226 34.72 -17.69 -19.98
CA THR C 226 36.02 -17.16 -19.61
C THR C 226 36.50 -16.19 -20.67
N LYS C 227 36.88 -14.99 -20.24
CA LYS C 227 37.47 -13.98 -21.11
C LYS C 227 38.90 -13.75 -20.65
N SER C 228 39.86 -14.09 -21.51
CA SER C 228 41.26 -14.10 -21.12
C SER C 228 42.10 -13.34 -22.14
N PHE C 229 43.31 -12.98 -21.73
CA PHE C 229 44.28 -12.35 -22.61
C PHE C 229 45.67 -12.66 -22.12
N ASN C 230 46.65 -12.37 -22.98
CA ASN C 230 48.06 -12.58 -22.70
C ASN C 230 48.75 -11.22 -22.70
N ARG C 231 49.26 -10.80 -21.54
CA ARG C 231 49.92 -9.51 -21.46
C ARG C 231 51.20 -9.51 -22.30
N GLY C 232 51.73 -8.31 -22.52
CA GLY C 232 52.98 -8.17 -23.22
C GLY C 232 52.93 -8.53 -24.69
N GLU C 233 51.74 -8.79 -25.24
CA GLU C 233 51.60 -9.12 -26.65
C GLU C 233 51.27 -7.88 -27.48
N CYS C 234 50.23 -7.15 -27.09
CA CYS C 234 49.82 -5.96 -27.80
C CYS C 234 48.67 -5.26 -27.06
N THR D 129 39.26 -31.43 20.10
CA THR D 129 38.43 -31.98 21.17
C THR D 129 36.96 -31.87 20.82
N VAL D 130 36.60 -32.30 19.61
CA VAL D 130 35.21 -32.24 19.17
C VAL D 130 34.37 -33.19 20.01
N ALA D 131 33.24 -32.70 20.51
CA ALA D 131 32.33 -33.48 21.34
C ALA D 131 30.99 -33.61 20.63
N ALA D 132 30.51 -34.84 20.50
CA ALA D 132 29.25 -35.07 19.81
C ALA D 132 28.08 -34.61 20.69
N PRO D 133 27.02 -34.09 20.07
CA PRO D 133 25.84 -33.69 20.86
C PRO D 133 25.06 -34.90 21.36
N SER D 134 24.31 -34.66 22.43
CA SER D 134 23.36 -35.63 22.97
C SER D 134 21.95 -35.12 22.69
N VAL D 135 21.13 -35.96 22.06
CA VAL D 135 19.83 -35.54 21.57
C VAL D 135 18.73 -36.13 22.46
N PHE D 136 17.74 -35.30 22.78
CA PHE D 136 16.55 -35.73 23.49
C PHE D 136 15.32 -35.16 22.80
N ILE D 137 14.20 -35.85 22.96
CA ILE D 137 12.91 -35.38 22.45
C ILE D 137 11.87 -35.60 23.54
N PHE D 138 11.04 -34.58 23.78
CA PHE D 138 10.03 -34.69 24.82
C PHE D 138 8.64 -34.62 24.20
N PRO D 139 7.73 -35.51 24.54
CA PRO D 139 6.35 -35.40 24.04
C PRO D 139 5.69 -34.15 24.58
N PRO D 140 4.54 -33.77 24.04
CA PRO D 140 3.78 -32.66 24.65
C PRO D 140 3.23 -33.07 26.01
N SER D 141 2.68 -32.09 26.70
CA SER D 141 2.17 -32.32 28.04
C SER D 141 0.86 -33.10 28.00
N ASP D 142 0.34 -33.39 29.18
CA ASP D 142 -1.03 -33.87 29.35
C ASP D 142 -1.96 -32.73 29.73
N GLU D 143 -1.49 -31.49 29.60
CA GLU D 143 -2.21 -30.30 30.01
C GLU D 143 -2.48 -29.36 28.84
N GLN D 144 -1.47 -29.12 27.99
CA GLN D 144 -1.66 -28.23 26.86
C GLN D 144 -2.74 -28.72 25.92
N LEU D 145 -2.91 -30.03 25.80
CA LEU D 145 -3.93 -30.57 24.91
C LEU D 145 -5.31 -30.03 25.26
N LYS D 146 -5.54 -29.69 26.54
CA LYS D 146 -6.80 -29.08 26.92
C LYS D 146 -6.89 -27.63 26.48
N SER D 147 -5.77 -27.00 26.15
CA SER D 147 -5.73 -25.63 25.67
C SER D 147 -5.75 -25.52 24.15
N GLY D 148 -5.88 -26.64 23.45
CA GLY D 148 -5.93 -26.60 22.00
C GLY D 148 -4.64 -26.16 21.34
N THR D 149 -3.50 -26.63 21.85
CA THR D 149 -2.21 -26.29 21.25
C THR D 149 -1.19 -27.34 21.70
N ALA D 150 -0.41 -27.84 20.74
CA ALA D 150 0.64 -28.80 21.01
C ALA D 150 2.00 -28.19 20.72
N SER D 151 3.00 -28.60 21.49
CA SER D 151 4.35 -28.06 21.36
C SER D 151 5.35 -29.19 21.60
N VAL D 152 5.89 -29.73 20.52
CA VAL D 152 6.96 -30.73 20.62
C VAL D 152 8.29 -30.02 20.76
N VAL D 153 9.19 -30.59 21.55
CA VAL D 153 10.48 -29.97 21.84
C VAL D 153 11.59 -31.00 21.70
N CYS D 154 12.69 -30.57 21.09
CA CYS D 154 13.86 -31.40 20.83
C CYS D 154 15.09 -30.65 21.30
N LEU D 155 15.94 -31.32 22.07
CA LEU D 155 17.04 -30.68 22.78
C LEU D 155 18.37 -31.28 22.35
N LEU D 156 19.34 -30.41 22.04
CA LEU D 156 20.71 -30.79 21.74
C LEU D 156 21.59 -30.29 22.90
N ASN D 157 22.17 -31.23 23.63
CA ASN D 157 22.99 -30.89 24.80
C ASN D 157 24.39 -30.50 24.35
N ASN D 158 25.32 -30.45 25.30
CA ASN D 158 26.68 -29.96 25.08
C ASN D 158 27.27 -30.47 23.77
N PHE D 159 27.71 -29.54 22.93
CA PHE D 159 28.45 -29.88 21.72
C PHE D 159 29.28 -28.67 21.30
N TYR D 160 30.58 -28.88 21.05
CA TYR D 160 31.46 -27.72 20.80
C TYR D 160 31.19 -27.07 19.45
N PRO D 161 31.35 -27.75 18.32
CA PRO D 161 31.23 -27.07 17.03
C PRO D 161 29.87 -26.40 16.88
N ARG D 162 29.89 -25.08 16.66
CA ARG D 162 28.67 -24.30 16.70
C ARG D 162 27.68 -24.74 15.63
N GLU D 163 28.16 -25.03 14.43
CA GLU D 163 27.27 -25.36 13.33
C GLU D 163 26.47 -26.61 13.69
N ALA D 164 25.19 -26.61 13.34
CA ALA D 164 24.32 -27.74 13.60
C ALA D 164 23.03 -27.51 12.82
N LYS D 165 22.16 -28.51 12.85
CA LYS D 165 20.90 -28.42 12.12
C LYS D 165 19.95 -29.50 12.63
N VAL D 166 18.70 -29.11 12.84
CA VAL D 166 17.63 -30.04 13.22
C VAL D 166 16.57 -29.99 12.13
N GLN D 167 15.88 -31.11 11.94
CA GLN D 167 14.89 -31.22 10.87
C GLN D 167 13.73 -32.07 11.39
N TRP D 168 12.58 -31.43 11.58
CA TRP D 168 11.39 -32.14 12.04
C TRP D 168 10.75 -32.89 10.87
N LYS D 169 10.65 -34.21 11.00
CA LYS D 169 9.94 -35.04 10.04
C LYS D 169 8.90 -35.85 10.81
N VAL D 170 7.63 -35.53 10.59
CA VAL D 170 6.52 -36.21 11.25
C VAL D 170 5.81 -37.07 10.22
N ASP D 171 5.67 -38.36 10.54
CA ASP D 171 5.13 -39.34 9.61
C ASP D 171 5.93 -39.27 8.30
N ASN D 172 7.22 -39.60 8.44
CA ASN D 172 8.22 -39.57 7.36
C ASN D 172 7.91 -38.47 6.34
N ALA D 173 7.66 -37.27 6.84
CA ALA D 173 7.41 -36.11 5.98
C ALA D 173 7.95 -34.88 6.69
N LEU D 174 8.75 -34.09 5.97
CA LEU D 174 9.46 -32.97 6.58
C LEU D 174 8.62 -31.71 6.61
N GLN D 175 8.83 -30.90 7.65
CA GLN D 175 8.27 -29.57 7.74
C GLN D 175 9.37 -28.53 7.91
N SER D 176 9.00 -27.28 7.64
CA SER D 176 9.87 -26.14 7.86
C SER D 176 9.00 -24.89 7.93
N GLY D 177 9.49 -23.88 8.63
CA GLY D 177 8.78 -22.62 8.75
C GLY D 177 7.86 -22.51 9.95
N ASN D 178 7.69 -23.58 10.72
CA ASN D 178 6.87 -23.55 11.93
C ASN D 178 7.66 -24.11 13.12
N SER D 179 8.95 -23.83 13.15
CA SER D 179 9.82 -24.24 14.26
C SER D 179 10.77 -23.11 14.59
N GLN D 180 11.17 -23.05 15.85
CA GLN D 180 12.08 -22.01 16.34
C GLN D 180 13.20 -22.65 17.13
N GLU D 181 14.33 -21.94 17.19
CA GLU D 181 15.53 -22.46 17.84
C GLU D 181 16.05 -21.45 18.86
N SER D 182 16.61 -21.98 19.94
CA SER D 182 17.25 -21.17 20.97
C SER D 182 18.61 -21.78 21.30
N VAL D 183 19.59 -20.92 21.59
CA VAL D 183 20.96 -21.32 21.82
C VAL D 183 21.54 -20.51 22.96
N THR D 184 22.32 -21.17 23.82
CA THR D 184 23.02 -20.53 24.91
C THR D 184 24.50 -20.37 24.55
N GLU D 185 25.29 -19.90 25.51
CA GLU D 185 26.72 -19.70 25.33
C GLU D 185 27.50 -20.69 26.18
N GLN D 186 28.73 -20.99 25.75
CA GLN D 186 29.55 -21.95 26.46
C GLN D 186 29.84 -21.47 27.88
N ASP D 187 29.89 -22.39 28.83
CA ASP D 187 30.20 -22.05 30.20
C ASP D 187 31.62 -21.49 30.29
N SER D 188 31.94 -20.97 31.47
CA SER D 188 33.26 -20.38 31.68
C SER D 188 34.37 -21.41 31.45
N LYS D 189 34.38 -22.47 32.24
CA LYS D 189 35.41 -23.51 32.13
C LYS D 189 34.93 -24.64 31.22
N ASP D 190 34.57 -24.26 30.00
CA ASP D 190 34.10 -25.20 28.99
C ASP D 190 34.04 -24.46 27.65
N SER D 191 33.67 -25.21 26.61
CA SER D 191 33.59 -24.63 25.27
C SER D 191 32.39 -25.12 24.48
N THR D 192 31.47 -25.86 25.09
CA THR D 192 30.37 -26.48 24.36
C THR D 192 29.11 -25.62 24.42
N TYR D 193 28.33 -25.70 23.35
CA TYR D 193 27.06 -25.00 23.22
C TYR D 193 25.91 -25.97 23.45
N SER D 194 24.71 -25.39 23.62
CA SER D 194 23.48 -26.16 23.75
C SER D 194 22.39 -25.50 22.93
N LEU D 195 21.51 -26.32 22.36
CA LEU D 195 20.48 -25.84 21.45
C LEU D 195 19.17 -26.55 21.73
N SER D 196 18.08 -25.81 21.58
CA SER D 196 16.73 -26.35 21.70
C SER D 196 15.89 -25.94 20.50
N SER D 197 15.04 -26.86 20.05
CA SER D 197 14.17 -26.63 18.90
C SER D 197 12.73 -26.91 19.32
N THR D 198 11.86 -25.93 19.13
CA THR D 198 10.45 -26.05 19.48
C THR D 198 9.62 -26.00 18.22
N LEU D 199 8.76 -27.00 18.04
CA LEU D 199 7.83 -27.06 16.91
C LEU D 199 6.41 -26.94 17.47
N THR D 200 5.67 -25.96 16.96
CA THR D 200 4.32 -25.68 17.44
C THR D 200 3.32 -26.31 16.47
N LEU D 201 2.31 -26.99 17.03
CA LEU D 201 1.27 -27.65 16.25
C LEU D 201 -0.08 -27.07 16.65
N SER D 202 -0.86 -26.66 15.65
CA SER D 202 -2.16 -26.07 15.92
C SER D 202 -3.11 -27.13 16.51
N LYS D 203 -4.31 -26.69 16.85
CA LYS D 203 -5.29 -27.59 17.45
C LYS D 203 -5.65 -28.70 16.48
N ALA D 204 -5.77 -29.92 17.02
CA ALA D 204 -6.25 -31.08 16.27
C ALA D 204 -5.20 -31.62 15.30
N ASP D 205 -4.07 -30.92 15.15
CA ASP D 205 -3.01 -31.43 14.29
C ASP D 205 -2.26 -32.57 14.96
N TYR D 206 -2.06 -32.49 16.27
CA TYR D 206 -1.41 -33.55 17.02
C TYR D 206 -2.26 -34.81 17.10
N GLU D 207 -3.54 -34.74 16.74
CA GLU D 207 -4.42 -35.89 16.84
C GLU D 207 -4.08 -36.97 15.82
N LYS D 208 -3.28 -36.65 14.81
CA LYS D 208 -2.94 -37.58 13.74
C LYS D 208 -1.42 -37.70 13.64
N HIS D 209 -0.95 -38.35 12.58
CA HIS D 209 0.49 -38.56 12.36
C HIS D 209 1.10 -39.34 13.52
N LYS D 210 0.70 -40.61 13.60
CA LYS D 210 1.13 -41.50 14.66
C LYS D 210 2.59 -41.28 15.07
N VAL D 211 3.51 -41.31 14.11
CA VAL D 211 4.93 -41.26 14.39
C VAL D 211 5.39 -39.81 14.42
N TYR D 212 6.41 -39.54 15.25
CA TYR D 212 7.06 -38.24 15.28
C TYR D 212 8.55 -38.47 15.43
N ALA D 213 9.35 -37.54 14.90
CA ALA D 213 10.79 -37.76 14.89
C ALA D 213 11.54 -36.44 14.82
N CYS D 214 12.65 -36.36 15.56
CA CYS D 214 13.61 -35.28 15.49
C CYS D 214 14.90 -35.81 14.89
N GLU D 215 15.38 -35.17 13.82
CA GLU D 215 16.61 -35.56 13.16
C GLU D 215 17.68 -34.49 13.39
N VAL D 216 18.91 -34.92 13.62
CA VAL D 216 20.01 -34.02 13.90
C VAL D 216 21.23 -34.42 13.06
N THR D 217 21.90 -33.42 12.50
CA THR D 217 23.10 -33.55 11.70
C THR D 217 24.23 -32.80 12.41
N HIS D 218 25.42 -33.38 12.45
CA HIS D 218 26.54 -32.73 13.13
C HIS D 218 27.82 -33.51 12.88
N GLN D 219 28.94 -32.89 13.23
CA GLN D 219 30.22 -33.56 13.23
C GLN D 219 30.30 -34.55 14.39
N GLY D 220 31.35 -35.38 14.38
CA GLY D 220 31.53 -36.39 15.40
C GLY D 220 30.62 -37.58 15.19
N LEU D 221 29.33 -37.31 14.97
CA LEU D 221 28.38 -38.37 14.67
C LEU D 221 28.81 -39.12 13.41
N SER D 222 28.75 -40.45 13.47
CA SER D 222 29.02 -41.25 12.28
C SER D 222 28.03 -40.93 11.17
N SER D 223 26.76 -40.79 11.52
CA SER D 223 25.72 -40.42 10.56
C SER D 223 24.66 -39.62 11.31
N PRO D 224 23.85 -38.84 10.59
CA PRO D 224 22.78 -38.09 11.26
C PRO D 224 21.88 -39.03 12.03
N VAL D 225 21.42 -38.59 13.21
CA VAL D 225 20.70 -39.47 14.12
C VAL D 225 19.30 -38.93 14.32
N THR D 226 18.33 -39.85 14.38
CA THR D 226 16.92 -39.52 14.55
C THR D 226 16.38 -40.18 15.80
N LYS D 227 15.72 -39.38 16.64
CA LYS D 227 15.03 -39.87 17.83
C LYS D 227 13.53 -39.72 17.58
N SER D 228 12.80 -40.83 17.69
CA SER D 228 11.40 -40.86 17.31
C SER D 228 10.55 -41.40 18.45
N PHE D 229 9.26 -41.08 18.40
CA PHE D 229 8.31 -41.57 19.39
C PHE D 229 6.94 -41.69 18.75
N ASN D 230 6.12 -42.56 19.33
CA ASN D 230 4.75 -42.76 18.88
C ASN D 230 3.81 -41.88 19.70
N ARG D 231 2.81 -41.31 19.02
CA ARG D 231 1.87 -40.41 19.69
C ARG D 231 1.08 -41.14 20.77
N GLY D 232 1.05 -42.46 20.74
CA GLY D 232 0.34 -43.24 21.74
C GLY D 232 0.95 -43.23 23.11
N GLU D 233 2.10 -42.59 23.28
CA GLU D 233 2.78 -42.53 24.59
C GLU D 233 3.07 -43.93 25.12
N CYS D 234 3.44 -44.83 24.21
CA CYS D 234 3.81 -46.19 24.59
C CYS D 234 5.03 -46.17 25.49
N SER E 141 41.77 14.97 3.40
CA SER E 141 43.07 15.53 3.09
C SER E 141 43.05 16.27 1.75
N THR E 142 41.93 16.17 1.04
CA THR E 142 41.76 16.83 -0.26
C THR E 142 42.81 16.36 -1.25
N LYS E 143 42.75 15.07 -1.56
CA LYS E 143 43.62 14.46 -2.56
C LYS E 143 42.82 14.25 -3.83
N GLY E 144 43.28 14.83 -4.93
CA GLY E 144 42.55 14.80 -6.18
C GLY E 144 42.53 13.42 -6.81
N PRO E 145 41.65 13.23 -7.78
CA PRO E 145 41.54 11.91 -8.42
C PRO E 145 42.63 11.69 -9.45
N SER E 146 42.92 10.40 -9.67
CA SER E 146 43.80 9.97 -10.74
C SER E 146 42.97 9.18 -11.74
N VAL E 147 43.09 9.52 -13.02
CA VAL E 147 42.24 8.98 -14.08
C VAL E 147 43.10 8.10 -14.98
N PHE E 148 42.58 6.91 -15.31
CA PHE E 148 43.23 6.01 -16.24
C PHE E 148 42.25 5.53 -17.29
N PRO E 149 42.70 5.34 -18.54
CA PRO E 149 41.80 4.85 -19.58
C PRO E 149 41.48 3.37 -19.40
N LEU E 150 40.34 2.97 -19.95
CA LEU E 150 39.93 1.57 -20.10
C LEU E 150 39.66 1.43 -21.58
N ALA E 151 40.70 1.07 -22.34
CA ALA E 151 40.65 1.06 -23.78
C ALA E 151 39.81 -0.13 -24.27
N PRO E 152 39.34 -0.07 -25.51
CA PRO E 152 38.53 -1.17 -26.04
C PRO E 152 39.39 -2.35 -26.45
N SER E 153 38.72 -3.47 -26.71
CA SER E 153 39.41 -4.71 -27.04
C SER E 153 40.26 -4.52 -28.29
N SER E 154 41.27 -5.38 -28.43
CA SER E 154 42.17 -5.29 -29.57
C SER E 154 41.40 -5.22 -30.88
N LYS E 155 40.65 -6.28 -31.20
CA LYS E 155 39.73 -6.25 -32.33
C LYS E 155 38.28 -6.42 -31.89
N SER E 156 37.93 -7.54 -31.27
CA SER E 156 36.54 -7.83 -30.90
C SER E 156 35.61 -7.36 -32.01
N THR E 157 36.03 -7.53 -33.26
CA THR E 157 35.45 -6.81 -34.39
C THR E 157 34.32 -7.62 -35.00
N SER E 158 33.10 -7.14 -34.83
CA SER E 158 31.88 -7.76 -35.34
C SER E 158 30.76 -6.74 -35.13
N GLY E 159 29.52 -7.21 -35.25
CA GLY E 159 28.40 -6.45 -34.71
C GLY E 159 28.38 -6.47 -33.19
N GLY E 160 29.47 -6.94 -32.58
CA GLY E 160 29.59 -7.03 -31.14
C GLY E 160 30.00 -5.73 -30.47
N THR E 161 29.03 -4.82 -30.32
CA THR E 161 29.25 -3.53 -29.67
C THR E 161 30.33 -3.60 -28.61
N ALA E 162 31.30 -2.69 -28.70
CA ALA E 162 32.43 -2.69 -27.78
C ALA E 162 32.12 -1.79 -26.58
N ALA E 163 33.07 -1.70 -25.66
CA ALA E 163 32.91 -0.85 -24.48
C ALA E 163 34.21 -0.14 -24.19
N LEU E 164 34.12 1.04 -23.59
CA LEU E 164 35.30 1.79 -23.19
C LEU E 164 34.97 2.65 -21.98
N GLY E 165 36.00 3.00 -21.21
CA GLY E 165 35.70 3.72 -19.99
C GLY E 165 36.87 4.47 -19.39
N CYS E 166 36.62 5.02 -18.20
CA CYS E 166 37.63 5.74 -17.44
C CYS E 166 37.51 5.40 -15.96
N LEU E 167 38.67 5.20 -15.34
CA LEU E 167 38.78 4.76 -13.94
C LEU E 167 39.35 5.91 -13.12
N VAL E 168 38.58 6.37 -12.11
CA VAL E 168 39.02 7.39 -11.16
C VAL E 168 39.42 6.68 -9.88
N LYS E 169 40.56 7.08 -9.30
CA LYS E 169 41.14 6.31 -8.23
C LYS E 169 41.93 7.23 -7.30
N ASP E 170 41.99 6.88 -6.01
CA ASP E 170 42.77 7.61 -5.02
C ASP E 170 42.34 9.09 -4.94
N TYR E 171 41.11 9.28 -4.46
CA TYR E 171 40.66 10.61 -4.08
C TYR E 171 39.88 10.53 -2.78
N PHE E 172 39.75 11.69 -2.13
CA PHE E 172 38.97 11.86 -0.92
C PHE E 172 38.75 13.34 -0.66
N PRO E 173 37.57 13.77 -0.22
CA PRO E 173 36.35 12.98 0.05
C PRO E 173 35.46 12.81 -1.18
N GLU E 174 34.42 12.00 -1.06
CA GLU E 174 33.46 11.83 -2.14
C GLU E 174 32.61 13.09 -2.30
N PRO E 175 31.92 13.24 -3.43
CA PRO E 175 31.93 12.41 -4.65
C PRO E 175 32.59 13.12 -5.84
N VAL E 176 32.67 12.45 -6.98
CA VAL E 176 33.03 13.08 -8.24
C VAL E 176 31.82 13.02 -9.17
N THR E 177 31.87 13.82 -10.23
CA THR E 177 30.89 13.75 -11.31
C THR E 177 31.62 13.42 -12.60
N VAL E 178 31.09 12.44 -13.34
CA VAL E 178 31.70 11.95 -14.57
C VAL E 178 30.82 12.35 -15.75
N SER E 179 31.43 12.92 -16.77
CA SER E 179 30.73 13.36 -17.97
C SER E 179 31.47 12.88 -19.21
N TRP E 180 30.70 12.48 -20.22
CA TRP E 180 31.25 12.09 -21.51
C TRP E 180 31.37 13.34 -22.38
N ASN E 181 31.57 13.15 -23.69
CA ASN E 181 31.83 14.26 -24.60
C ASN E 181 30.85 15.40 -24.36
N SER E 182 31.39 16.55 -23.92
CA SER E 182 30.59 17.74 -23.63
C SER E 182 29.42 17.44 -22.69
N GLY E 183 29.49 16.33 -21.97
CA GLY E 183 28.39 15.96 -21.08
C GLY E 183 27.07 15.83 -21.81
N ALA E 184 27.08 15.27 -23.02
CA ALA E 184 25.90 15.15 -23.86
C ALA E 184 25.74 13.74 -24.39
N LEU E 185 26.05 12.75 -23.56
CA LEU E 185 25.87 11.34 -23.89
C LEU E 185 25.22 10.64 -22.71
N THR E 186 24.11 9.94 -22.97
CA THR E 186 23.35 9.27 -21.93
C THR E 186 22.95 7.84 -22.27
N SER E 187 23.16 7.40 -23.51
CA SER E 187 22.77 6.06 -23.93
C SER E 187 23.88 5.08 -23.62
N GLY E 188 23.57 4.07 -22.80
CA GLY E 188 24.54 3.04 -22.47
C GLY E 188 25.71 3.52 -21.64
N VAL E 189 25.46 4.40 -20.67
CA VAL E 189 26.49 4.91 -19.78
C VAL E 189 26.22 4.39 -18.37
N HIS E 190 27.25 3.88 -17.71
CA HIS E 190 27.13 3.39 -16.34
C HIS E 190 28.25 3.97 -15.50
N THR E 191 27.90 4.40 -14.29
CA THR E 191 28.84 4.93 -13.31
C THR E 191 28.60 4.20 -12.01
N PHE E 192 29.48 3.27 -11.67
CA PHE E 192 29.27 2.41 -10.52
C PHE E 192 29.44 3.18 -9.21
N PRO E 193 28.82 2.69 -8.13
CA PRO E 193 29.04 3.34 -6.83
C PRO E 193 30.50 3.31 -6.42
N ALA E 194 30.92 4.36 -5.72
CA ALA E 194 32.31 4.45 -5.28
C ALA E 194 32.63 3.36 -4.27
N VAL E 195 33.71 2.64 -4.50
CA VAL E 195 34.17 1.58 -3.62
C VAL E 195 35.27 2.12 -2.72
N LEU E 196 35.30 1.63 -1.48
CA LEU E 196 36.29 2.05 -0.50
C LEU E 196 37.58 1.26 -0.72
N GLN E 197 38.68 1.96 -0.97
CA GLN E 197 39.96 1.31 -1.19
C GLN E 197 40.48 0.74 0.14
N SER E 198 41.65 0.09 0.06
CA SER E 198 42.23 -0.50 1.26
C SER E 198 42.62 0.56 2.26
N SER E 199 43.35 1.58 1.82
CA SER E 199 43.88 2.62 2.73
C SER E 199 42.93 3.81 2.82
N GLY E 200 41.66 3.55 3.09
CA GLY E 200 40.70 4.60 3.34
C GLY E 200 40.48 5.53 2.16
N LEU E 201 40.93 5.14 0.98
CA LEU E 201 40.75 5.92 -0.23
C LEU E 201 39.55 5.37 -1.01
N TYR E 202 39.31 5.91 -2.20
CA TYR E 202 38.14 5.56 -2.99
C TYR E 202 38.53 5.21 -4.42
N SER E 203 37.60 4.56 -5.10
CA SER E 203 37.73 4.26 -6.51
C SER E 203 36.35 4.22 -7.15
N LEU E 204 36.29 4.55 -8.43
CA LEU E 204 35.03 4.52 -9.17
C LEU E 204 35.35 4.35 -10.65
N SER E 205 34.42 3.76 -11.38
CA SER E 205 34.61 3.48 -12.80
C SER E 205 33.40 3.94 -13.59
N SER E 206 33.65 4.50 -14.76
CA SER E 206 32.60 4.86 -15.70
C SER E 206 32.85 4.10 -16.99
N VAL E 207 31.80 3.49 -17.53
CA VAL E 207 31.92 2.67 -18.74
C VAL E 207 30.75 2.96 -19.66
N VAL E 208 31.03 3.06 -20.95
CA VAL E 208 30.01 3.30 -21.95
C VAL E 208 30.17 2.30 -23.08
N THR E 209 29.05 1.73 -23.52
CA THR E 209 29.03 0.83 -24.67
C THR E 209 28.89 1.65 -25.94
N VAL E 210 29.62 1.24 -26.98
CA VAL E 210 29.72 2.02 -28.21
C VAL E 210 29.74 1.06 -29.39
N PRO E 211 29.02 1.35 -30.49
CA PRO E 211 29.15 0.49 -31.67
C PRO E 211 30.58 0.48 -32.19
N SER E 212 31.03 -0.70 -32.61
CA SER E 212 32.44 -0.86 -32.97
C SER E 212 32.80 0.04 -34.16
N SER E 213 31.96 0.06 -35.18
CA SER E 213 32.28 0.80 -36.40
C SER E 213 32.49 2.29 -36.14
N SER E 214 31.95 2.82 -35.04
CA SER E 214 32.12 4.24 -34.75
C SER E 214 33.52 4.57 -34.25
N LEU E 215 34.28 3.58 -33.77
CA LEU E 215 35.61 3.85 -33.25
C LEU E 215 36.56 4.34 -34.33
N GLY E 216 36.26 4.07 -35.60
CA GLY E 216 37.18 4.45 -36.67
C GLY E 216 37.37 5.95 -36.79
N THR E 217 36.27 6.71 -36.74
CA THR E 217 36.31 8.15 -36.98
C THR E 217 35.90 8.98 -35.79
N GLN E 218 35.12 8.44 -34.86
CA GLN E 218 34.66 9.21 -33.70
C GLN E 218 35.66 9.08 -32.55
N THR E 219 35.57 10.01 -31.61
CA THR E 219 36.44 10.05 -30.45
C THR E 219 35.60 10.27 -29.20
N TYR E 220 36.12 9.81 -28.06
CA TYR E 220 35.44 9.90 -26.78
C TYR E 220 36.38 10.50 -25.74
N ILE E 221 35.82 11.35 -24.88
CA ILE E 221 36.59 12.05 -23.86
C ILE E 221 35.89 11.86 -22.51
N CYS E 222 36.66 11.47 -21.49
CA CYS E 222 36.15 11.37 -20.13
C CYS E 222 36.50 12.64 -19.37
N ASN E 223 35.52 13.20 -18.67
CA ASN E 223 35.70 14.37 -17.82
C ASN E 223 35.31 13.99 -16.40
N VAL E 224 36.19 14.29 -15.44
CA VAL E 224 35.94 14.02 -14.02
C VAL E 224 36.05 15.33 -13.27
N ASN E 225 35.03 15.63 -12.46
CA ASN E 225 35.00 16.83 -11.63
C ASN E 225 34.97 16.42 -10.16
N HIS E 226 35.88 17.01 -9.37
CA HIS E 226 35.98 16.76 -7.95
C HIS E 226 35.93 18.09 -7.23
N LYS E 227 34.92 18.28 -6.38
CA LYS E 227 34.63 19.60 -5.83
C LYS E 227 35.58 19.94 -4.69
N PRO E 228 35.80 19.06 -3.72
CA PRO E 228 36.79 19.36 -2.68
C PRO E 228 38.11 19.87 -3.23
N SER E 229 38.61 19.28 -4.30
CA SER E 229 39.83 19.74 -4.95
C SER E 229 39.57 20.82 -6.00
N ASN E 230 38.30 21.07 -6.34
CA ASN E 230 37.97 22.04 -7.38
C ASN E 230 38.70 21.70 -8.68
N THR E 231 38.82 20.41 -8.98
CA THR E 231 39.63 19.93 -10.08
C THR E 231 38.76 19.27 -11.13
N LYS E 232 38.90 19.73 -12.38
CA LYS E 232 38.30 19.08 -13.53
C LYS E 232 39.42 18.54 -14.41
N VAL E 233 39.34 17.25 -14.74
CA VAL E 233 40.38 16.56 -15.49
C VAL E 233 39.74 15.89 -16.70
N ASP E 234 40.42 15.99 -17.84
CA ASP E 234 39.94 15.45 -19.11
C ASP E 234 40.96 14.47 -19.67
N LYS E 235 40.47 13.37 -20.22
CA LYS E 235 41.34 12.42 -20.89
C LYS E 235 40.68 11.87 -22.16
N ARG E 236 41.51 11.47 -23.11
CA ARG E 236 41.08 10.90 -24.37
C ARG E 236 41.24 9.38 -24.32
N VAL E 237 40.16 8.65 -24.49
CA VAL E 237 40.17 7.19 -24.45
C VAL E 237 40.26 6.71 -25.89
N GLU E 238 41.50 6.55 -26.39
CA GLU E 238 41.70 6.10 -27.75
C GLU E 238 41.89 4.59 -27.81
N PRO E 239 41.51 3.94 -28.91
CA PRO E 239 41.83 2.52 -29.07
C PRO E 239 43.32 2.29 -29.13
N LYS E 240 43.75 1.15 -28.60
CA LYS E 240 45.16 0.81 -28.58
C LYS E 240 45.69 0.61 -30.00
N SER E 241 46.99 0.85 -30.18
CA SER E 241 47.60 0.67 -31.49
C SER E 241 47.61 -0.79 -31.91
N CYS E 242 47.91 -1.70 -30.97
CA CYS E 242 47.94 -3.13 -31.24
C CYS E 242 48.85 -3.47 -32.42
N ASP E 243 50.08 -2.94 -32.37
CA ASP E 243 51.08 -3.23 -33.38
C ASP E 243 52.43 -3.43 -32.70
N LYS E 244 53.29 -4.21 -33.33
CA LYS E 244 54.61 -4.48 -32.80
C LYS E 244 55.54 -4.98 -33.90
#